data_8DVN
#
_entry.id   8DVN
#
_cell.length_a   68.097
_cell.length_b   116.783
_cell.length_c   127.164
_cell.angle_alpha   90.000
_cell.angle_beta   90.000
_cell.angle_gamma   90.000
#
_symmetry.space_group_name_H-M   'P 21 21 21'
#
loop_
_entity.id
_entity.type
_entity.pdbx_description
1 polymer 'Low-density lipoprotein receptor-related protein 6'
2 polymer 'E3.10 Disulfide constrained peptide'
3 branched beta-D-mannopyranose-(1-4)-2-acetamido-2-deoxy-beta-D-glucopyranose-(1-4)-2-acetamido-2-deoxy-beta-D-glucopyranose
4 branched 2-acetamido-2-deoxy-beta-D-glucopyranose-(1-4)-[alpha-L-fucopyranose-(1-6)]2-acetamido-2-deoxy-beta-D-glucopyranose
5 branched 2-acetamido-2-deoxy-beta-D-glucopyranose-(1-4)-2-acetamido-2-deoxy-beta-D-glucopyranose
6 branched 2-acetamido-2-deoxy-beta-D-glucopyranose-(1-6)-2-acetamido-2-deoxy-beta-D-glucopyranose
7 non-polymer 2-acetamido-2-deoxy-beta-D-glucopyranose
8 non-polymer 'CALCIUM ION'
9 water water
#
loop_
_entity_poly.entity_id
_entity_poly.type
_entity_poly.pdbx_seq_one_letter_code
_entity_poly.pdbx_strand_id
1 'polypeptide(L)'
;SEAFLLFSRRADIRRISLETNNNNVAIPLTGVKEASALDFDVTDNRIYWTDISLKTISRAFMNGSALEHVVEFGLDYPEG
MAVDWLGKNLYWADTGTNRIEVSKLDGQHRQVLVWKDLDSPRALALDPAEGFMYWTEWGGKPKIDRAAMDGSERTTLVPN
VGRANGLTIDYAKRRLYWTDLDTNLIESSNMLGLNREVIADDLPHPFGLTQYQDYIYWTDWSRRSIERANKTSGQNRTII
QGHLDYVMDILVFHSSRQSGWNECASSNGHCSHLCLAVPVGGFVCGCPAHYSLNADNRTCSAPTTFLLFSQKSAINRMVI
DEQQSPDIILPIHSLRNVRAIDYDPLDKQLYWIDSRQNMIRKAQEDGSQGFTVVVSSVPSQNLEIQPYDLSIDIYSRYIY
WT(OCS)EATNVINVTRLDGRSVGVVLKGEQDRPRAIVVNPEKGYMYFTNLQERSPKIERAALDGTEREVLFFSGLSKPI
ALALDSRLGKLFWADSDLRRIESSDLSGANRIVLEDSNILQPVGLTVFENWLYWIDKQQQMIEKIDMTGREGRTKVQARI
AQLSDIHAVKELNLQEYRQHPCAQDNGGCSHICLVKGDGTTRCSCPMHLVLLQDELSCGEPPTCSPQQGNSHHHHHH
;
A
2 'polypeptide(L)' GCRGLKRLYEAFCKQDSDCLAGCVCPMFSECG B
#
# COMPACT_ATOMS: atom_id res chain seq x y z
N SER A 1 2.87 39.22 -12.74
CA SER A 1 2.00 38.68 -11.70
C SER A 1 2.69 38.67 -10.33
N GLU A 2 1.88 38.76 -9.29
CA GLU A 2 2.39 38.95 -7.93
C GLU A 2 3.03 37.68 -7.40
N ALA A 3 4.06 37.84 -6.58
CA ALA A 3 4.78 36.73 -5.97
C ALA A 3 4.37 36.59 -4.52
N PHE A 4 4.07 35.35 -4.13
CA PHE A 4 3.60 35.04 -2.79
C PHE A 4 4.45 33.96 -2.15
N LEU A 5 4.59 34.05 -0.83
CA LEU A 5 5.31 33.05 -0.06
C LEU A 5 4.30 32.25 0.76
N LEU A 6 4.36 30.94 0.64
CA LEU A 6 3.53 30.04 1.42
C LEU A 6 4.40 29.30 2.42
N PHE A 7 4.00 29.30 3.68
CA PHE A 7 4.68 28.52 4.70
C PHE A 7 3.65 27.71 5.46
N SER A 8 4.06 26.50 5.86
CA SER A 8 3.25 25.64 6.71
C SER A 8 3.77 25.71 8.14
N ARG A 9 2.84 25.70 9.09
CA ARG A 9 3.18 25.74 10.50
C ARG A 9 2.06 25.11 11.27
N ARG A 10 2.38 24.14 12.13
CA ARG A 10 1.37 23.38 12.85
C ARG A 10 0.33 22.84 11.88
N ALA A 11 -0.91 23.30 12.03
CA ALA A 11 -2.03 22.83 11.22
C ALA A 11 -2.57 23.92 10.29
N ASP A 12 -1.76 24.91 9.96
CA ASP A 12 -2.20 26.00 9.10
C ASP A 12 -1.23 26.18 7.94
N ILE A 13 -1.76 26.73 6.85
CA ILE A 13 -0.98 27.12 5.68
C ILE A 13 -1.25 28.59 5.44
N ARG A 14 -0.19 29.39 5.45
CA ARG A 14 -0.33 30.83 5.41
C ARG A 14 0.38 31.41 4.19
N ARG A 15 -0.12 32.55 3.73
CA ARG A 15 0.37 33.21 2.53
C ARG A 15 0.84 34.62 2.88
N ILE A 16 2.06 34.96 2.46
CA ILE A 16 2.67 36.25 2.77
C ILE A 16 2.93 36.96 1.45
N SER A 17 2.29 38.12 1.26
CA SER A 17 2.48 38.89 0.04
C SER A 17 3.82 39.62 0.11
N LEU A 18 4.73 39.29 -0.81
CA LEU A 18 6.05 39.90 -0.80
C LEU A 18 6.04 41.27 -1.45
N GLU A 19 5.35 41.42 -2.59
CA GLU A 19 5.45 42.64 -3.37
C GLU A 19 4.68 43.79 -2.75
N THR A 20 3.63 43.51 -1.98
CA THR A 20 2.95 44.53 -1.20
C THR A 20 3.56 44.56 0.20
N ASN A 21 2.91 45.25 1.14
CA ASN A 21 3.30 45.13 2.53
C ASN A 21 3.12 43.69 2.98
N ASN A 22 4.00 43.21 3.85
CA ASN A 22 3.89 41.85 4.34
C ASN A 22 2.52 41.66 5.00
N ASN A 23 1.65 40.89 4.34
CA ASN A 23 0.26 40.71 4.77
C ASN A 23 0.02 39.23 4.96
N ASN A 24 -0.18 38.82 6.20
CA ASN A 24 -0.33 37.42 6.56
C ASN A 24 -1.80 37.03 6.52
N VAL A 25 -2.14 36.09 5.63
CA VAL A 25 -3.50 35.58 5.50
C VAL A 25 -3.42 34.08 5.32
N ALA A 26 -4.28 33.35 6.04
CA ALA A 26 -4.27 31.90 5.99
C ALA A 26 -5.07 31.40 4.79
N ILE A 27 -4.61 30.29 4.22
CA ILE A 27 -5.36 29.64 3.15
C ILE A 27 -6.59 28.98 3.78
N PRO A 28 -7.81 29.33 3.35
CA PRO A 28 -9.01 28.86 4.06
C PRO A 28 -9.28 27.37 3.90
N LEU A 29 -8.36 26.55 4.39
CA LEU A 29 -8.54 25.10 4.39
C LEU A 29 -9.25 24.66 5.67
N THR A 30 -9.62 23.39 5.68
CA THR A 30 -10.27 22.80 6.83
C THR A 30 -9.78 21.39 7.01
N GLY A 31 -9.79 20.90 8.23
CA GLY A 31 -9.42 19.52 8.49
C GLY A 31 -7.95 19.20 8.34
N VAL A 32 -7.07 20.20 8.39
CA VAL A 32 -5.64 19.96 8.38
C VAL A 32 -5.19 19.75 9.82
N LYS A 33 -4.44 18.67 10.07
CA LYS A 33 -3.94 18.38 11.40
C LYS A 33 -2.46 18.65 11.58
N GLU A 34 -1.63 18.47 10.55
CA GLU A 34 -0.23 18.89 10.64
C GLU A 34 0.29 19.07 9.22
N ALA A 35 0.31 20.31 8.74
CA ALA A 35 0.73 20.61 7.38
C ALA A 35 2.25 20.63 7.32
N SER A 36 2.83 19.81 6.44
CA SER A 36 4.29 19.73 6.35
C SER A 36 4.84 20.19 5.02
N ALA A 37 4.62 19.47 3.92
CA ALA A 37 5.32 19.72 2.67
C ALA A 37 4.38 20.43 1.71
N LEU A 38 4.91 21.38 0.94
CA LEU A 38 4.09 22.26 0.12
C LEU A 38 4.57 22.27 -1.32
N ASP A 39 3.62 22.39 -2.23
CA ASP A 39 3.92 22.74 -3.61
C ASP A 39 2.67 23.37 -4.22
N PHE A 40 2.75 23.70 -5.50
CA PHE A 40 1.61 24.33 -6.16
C PHE A 40 1.61 23.98 -7.65
N ASP A 41 0.43 24.13 -8.25
CA ASP A 41 0.23 23.95 -9.68
C ASP A 41 -0.13 25.33 -10.24
N VAL A 42 0.79 25.93 -11.00
CA VAL A 42 0.57 27.29 -11.46
C VAL A 42 -0.63 27.36 -12.40
N THR A 43 -0.82 26.32 -13.21
CA THR A 43 -1.98 26.25 -14.10
C THR A 43 -3.28 26.35 -13.31
N ASP A 44 -3.49 25.50 -12.33
CA ASP A 44 -4.78 25.47 -11.68
C ASP A 44 -4.96 26.35 -10.51
N ASN A 45 -4.00 27.16 -10.19
CA ASN A 45 -4.07 27.94 -8.95
C ASN A 45 -4.34 27.01 -7.78
N ARG A 46 -3.72 25.84 -7.81
CA ARG A 46 -3.96 24.78 -6.84
C ARG A 46 -2.76 24.63 -5.92
N ILE A 47 -3.02 24.48 -4.62
CA ILE A 47 -2.00 24.23 -3.62
C ILE A 47 -2.03 22.77 -3.23
N TYR A 48 -0.86 22.20 -2.95
CA TYR A 48 -0.71 20.80 -2.58
C TYR A 48 0.07 20.71 -1.27
N TRP A 49 -0.37 19.84 -0.36
CA TRP A 49 0.37 19.64 0.89
C TRP A 49 0.24 18.21 1.39
N THR A 50 1.27 17.75 2.10
CA THR A 50 1.23 16.52 2.86
C THR A 50 0.92 16.81 4.32
N ASP A 51 0.38 15.81 5.00
CA ASP A 51 -0.06 15.93 6.39
C ASP A 51 0.48 14.71 7.14
N ILE A 52 1.53 14.91 7.93
CA ILE A 52 2.21 13.80 8.60
C ILE A 52 1.37 13.20 9.72
N SER A 53 0.40 13.92 10.25
CA SER A 53 -0.41 13.34 11.31
C SER A 53 -1.54 12.49 10.77
N LEU A 54 -2.06 12.83 9.59
CA LEU A 54 -3.08 12.02 8.92
C LEU A 54 -2.50 11.07 7.89
N LYS A 55 -1.20 11.18 7.59
CA LYS A 55 -0.56 10.35 6.56
C LYS A 55 -1.32 10.47 5.23
N THR A 56 -1.59 11.70 4.82
CA THR A 56 -2.27 11.96 3.56
C THR A 56 -1.56 13.07 2.80
N ILE A 57 -1.85 13.13 1.51
CA ILE A 57 -1.46 14.24 0.65
C ILE A 57 -2.73 14.82 0.05
N SER A 58 -2.91 16.13 0.20
CA SER A 58 -4.16 16.76 -0.25
C SER A 58 -3.86 17.94 -1.16
N ARG A 59 -4.92 18.47 -1.75
CA ARG A 59 -4.82 19.61 -2.63
C ARG A 59 -6.12 20.41 -2.56
N ALA A 60 -6.01 21.71 -2.82
CA ALA A 60 -7.19 22.55 -2.93
C ALA A 60 -6.83 23.79 -3.72
N PHE A 61 -7.85 24.51 -4.18
CA PHE A 61 -7.64 25.82 -4.76
C PHE A 61 -7.24 26.81 -3.67
N MET A 62 -6.59 27.89 -4.08
CA MET A 62 -6.06 28.86 -3.13
C MET A 62 -7.16 29.46 -2.26
N ASN A 63 -8.41 29.29 -2.69
CA ASN A 63 -9.56 29.81 -1.97
C ASN A 63 -10.24 28.78 -1.14
N GLY A 64 -9.61 27.63 -1.00
CA GLY A 64 -10.10 26.58 -0.16
C GLY A 64 -11.09 25.63 -0.82
N SER A 65 -11.64 25.99 -1.97
CA SER A 65 -12.60 25.13 -2.63
C SER A 65 -11.90 23.92 -3.26
N ALA A 66 -12.69 22.88 -3.54
CA ALA A 66 -12.22 21.63 -4.15
C ALA A 66 -11.13 20.96 -3.31
N LEU A 67 -11.36 20.91 -1.99
CA LEU A 67 -10.48 20.16 -1.09
C LEU A 67 -10.50 18.69 -1.49
N GLU A 68 -9.33 18.15 -1.82
CA GLU A 68 -9.23 16.78 -2.31
C GLU A 68 -8.03 16.09 -1.67
N HIS A 69 -8.27 14.92 -1.07
CA HIS A 69 -7.19 14.08 -0.59
C HIS A 69 -6.80 13.14 -1.72
N VAL A 70 -5.62 13.35 -2.30
CA VAL A 70 -5.23 12.61 -3.49
C VAL A 70 -4.42 11.36 -3.19
N VAL A 71 -3.76 11.30 -2.03
CA VAL A 71 -3.11 10.08 -1.56
C VAL A 71 -3.52 9.89 -0.10
N GLU A 72 -4.06 8.73 0.23
CA GLU A 72 -4.52 8.47 1.57
C GLU A 72 -4.19 7.08 2.11
N PHE A 73 -3.51 6.27 1.32
CA PHE A 73 -3.18 4.90 1.72
C PHE A 73 -1.68 4.70 1.62
N GLY A 74 -1.15 3.93 2.57
CA GLY A 74 0.23 3.51 2.50
C GLY A 74 1.25 4.61 2.62
N LEU A 75 0.95 5.66 3.38
CA LEU A 75 1.94 6.65 3.72
C LEU A 75 2.29 6.50 5.19
N ASP A 76 3.57 6.69 5.52
CA ASP A 76 4.01 6.72 6.90
C ASP A 76 4.52 8.10 7.32
N TYR A 77 5.57 8.59 6.66
CA TYR A 77 6.14 9.92 6.94
C TYR A 77 6.39 10.60 5.60
N PRO A 78 5.34 11.09 4.94
CA PRO A 78 5.50 11.77 3.63
C PRO A 78 5.99 13.22 3.79
N GLU A 79 7.29 13.35 4.05
CA GLU A 79 7.86 14.65 4.33
C GLU A 79 8.44 15.32 3.09
N GLY A 80 8.49 14.63 1.97
CA GLY A 80 8.92 15.20 0.70
C GLY A 80 7.84 15.03 -0.36
N MET A 81 7.61 16.11 -1.11
CA MET A 81 6.53 16.12 -2.10
C MET A 81 6.76 17.26 -3.06
N ALA A 82 6.56 17.00 -4.36
CA ALA A 82 6.73 18.03 -5.37
C ALA A 82 5.75 17.80 -6.52
N VAL A 83 5.36 18.89 -7.16
CA VAL A 83 4.39 18.88 -8.26
C VAL A 83 5.16 18.94 -9.59
N ASP A 84 4.96 17.95 -10.45
CA ASP A 84 5.48 17.98 -11.81
C ASP A 84 4.44 18.69 -12.68
N TRP A 85 4.67 19.99 -12.92
CA TRP A 85 3.65 20.82 -13.56
C TRP A 85 3.59 20.63 -15.07
N LEU A 86 4.64 20.06 -15.67
CA LEU A 86 4.58 19.79 -17.11
C LEU A 86 3.77 18.53 -17.39
N GLY A 87 4.12 17.42 -16.73
CA GLY A 87 3.41 16.17 -16.88
C GLY A 87 2.13 16.05 -16.06
N LYS A 88 1.85 17.02 -15.19
CA LYS A 88 0.73 16.98 -14.26
C LYS A 88 0.82 15.75 -13.35
N ASN A 89 2.01 15.50 -12.82
CA ASN A 89 2.28 14.38 -11.94
C ASN A 89 2.55 14.85 -10.52
N LEU A 90 2.10 14.08 -9.53
CA LEU A 90 2.43 14.31 -8.14
C LEU A 90 3.54 13.35 -7.75
N TYR A 91 4.64 13.88 -7.23
CA TYR A 91 5.76 13.10 -6.72
C TYR A 91 5.83 13.24 -5.22
N TRP A 92 6.21 12.17 -4.52
CA TRP A 92 6.45 12.32 -3.10
C TRP A 92 7.47 11.31 -2.62
N ALA A 93 8.16 11.66 -1.53
CA ALA A 93 9.12 10.81 -0.86
C ALA A 93 8.62 10.52 0.55
N ASP A 94 8.62 9.24 0.93
CA ASP A 94 8.13 8.84 2.25
C ASP A 94 9.31 8.34 3.07
N THR A 95 9.67 9.12 4.09
CA THR A 95 10.83 8.80 4.93
C THR A 95 10.62 7.53 5.72
N GLY A 96 9.38 7.17 6.00
CA GLY A 96 9.07 5.97 6.76
C GLY A 96 9.13 4.72 5.92
N THR A 97 8.43 4.71 4.78
CA THR A 97 8.38 3.54 3.91
C THR A 97 9.60 3.42 2.99
N ASN A 98 10.49 4.39 2.98
CA ASN A 98 11.68 4.36 2.12
C ASN A 98 11.30 4.22 0.63
N ARG A 99 10.34 5.02 0.20
CA ARG A 99 9.85 4.98 -1.18
C ARG A 99 9.75 6.39 -1.75
N ILE A 100 10.07 6.50 -3.04
CA ILE A 100 9.74 7.68 -3.84
C ILE A 100 8.68 7.27 -4.85
N GLU A 101 7.53 7.93 -4.80
CA GLU A 101 6.37 7.52 -5.58
C GLU A 101 5.91 8.65 -6.51
N VAL A 102 5.02 8.30 -7.43
CA VAL A 102 4.45 9.27 -8.37
C VAL A 102 3.01 8.87 -8.69
N SER A 103 2.20 9.88 -9.00
CA SER A 103 0.86 9.64 -9.53
C SER A 103 0.44 10.89 -10.29
N LYS A 104 -0.73 10.80 -10.93
CA LYS A 104 -1.33 12.01 -11.47
C LYS A 104 -1.69 12.96 -10.34
N LEU A 105 -1.78 14.25 -10.66
CA LEU A 105 -2.08 15.25 -9.64
C LEU A 105 -3.43 15.00 -8.97
N ASP A 106 -4.33 14.28 -9.63
CA ASP A 106 -5.59 13.90 -9.01
C ASP A 106 -5.49 12.59 -8.22
N GLY A 107 -4.33 11.94 -8.24
CA GLY A 107 -4.09 10.73 -7.47
C GLY A 107 -4.12 9.43 -8.25
N GLN A 108 -4.59 9.44 -9.49
CA GLN A 108 -4.73 8.22 -10.27
C GLN A 108 -3.38 7.65 -10.66
N HIS A 109 -3.35 6.33 -10.89
CA HIS A 109 -2.21 5.63 -11.47
C HIS A 109 -0.95 5.69 -10.59
N ARG A 110 -1.14 5.50 -9.28
CA ARG A 110 -0.03 5.52 -8.33
C ARG A 110 1.02 4.45 -8.67
N GLN A 111 2.28 4.87 -8.61
CA GLN A 111 3.40 3.99 -8.97
C GLN A 111 4.60 4.34 -8.09
N VAL A 112 5.43 3.33 -7.82
CA VAL A 112 6.66 3.49 -7.04
C VAL A 112 7.83 3.58 -8.00
N LEU A 113 8.63 4.64 -7.87
CA LEU A 113 9.75 4.83 -8.77
C LEU A 113 11.08 4.36 -8.18
N VAL A 114 11.36 4.71 -6.92
CA VAL A 114 12.59 4.33 -6.24
C VAL A 114 12.22 3.61 -4.95
N TRP A 115 12.65 2.36 -4.82
CA TRP A 115 12.47 1.67 -3.54
C TRP A 115 13.68 0.84 -3.10
N LYS A 116 14.52 0.36 -4.00
CA LYS A 116 15.67 -0.45 -3.61
C LYS A 116 16.79 0.45 -3.12
N ASP A 117 17.53 -0.06 -2.13
CA ASP A 117 18.72 0.61 -1.60
C ASP A 117 18.44 2.07 -1.34
N LEU A 118 17.29 2.33 -0.70
CA LEU A 118 16.84 3.67 -0.41
C LEU A 118 16.57 3.79 1.09
N ASP A 119 17.28 4.71 1.75
CA ASP A 119 17.18 4.89 3.20
C ASP A 119 16.74 6.31 3.52
N SER A 120 15.46 6.46 3.88
CA SER A 120 14.87 7.69 4.39
C SER A 120 15.05 8.89 3.46
N PRO A 121 14.41 8.90 2.29
CA PRO A 121 14.40 10.12 1.47
C PRO A 121 13.53 11.18 2.11
N ARG A 122 13.96 12.42 2.08
CA ARG A 122 13.20 13.46 2.72
C ARG A 122 12.85 14.62 1.83
N ALA A 123 13.83 15.32 1.28
CA ALA A 123 13.56 16.51 0.51
C ALA A 123 13.60 16.15 -0.97
N LEU A 124 12.64 16.68 -1.75
CA LEU A 124 12.50 16.31 -3.15
C LEU A 124 12.38 17.56 -4.03
N ALA A 125 13.11 17.59 -5.14
CA ALA A 125 13.01 18.68 -6.10
C ALA A 125 12.94 18.12 -7.50
N LEU A 126 12.15 18.76 -8.36
CA LEU A 126 11.89 18.25 -9.71
C LEU A 126 12.35 19.23 -10.79
N ASP A 127 12.87 18.68 -11.88
CA ASP A 127 13.25 19.45 -13.07
C ASP A 127 12.66 18.78 -14.31
N PRO A 128 11.34 18.86 -14.48
CA PRO A 128 10.70 18.14 -15.61
C PRO A 128 11.12 18.61 -16.98
N ALA A 129 11.63 19.83 -17.12
CA ALA A 129 12.12 20.26 -18.42
C ALA A 129 13.41 19.56 -18.80
N GLU A 130 14.13 19.01 -17.82
CA GLU A 130 15.37 18.30 -18.07
C GLU A 130 15.26 16.79 -17.91
N GLY A 131 14.25 16.31 -17.17
CA GLY A 131 14.08 14.90 -16.94
C GLY A 131 14.68 14.37 -15.65
N PHE A 132 15.14 15.25 -14.77
CA PHE A 132 15.86 14.86 -13.56
C PHE A 132 15.05 15.24 -12.32
N MET A 133 15.09 14.38 -11.31
CA MET A 133 14.62 14.72 -9.99
C MET A 133 15.75 14.48 -8.99
N TYR A 134 15.69 15.22 -7.88
CA TYR A 134 16.75 15.26 -6.90
C TYR A 134 16.14 15.09 -5.53
N TRP A 135 16.82 14.37 -4.65
CA TRP A 135 16.28 14.19 -3.31
C TRP A 135 17.40 13.96 -2.31
N THR A 136 17.11 14.29 -1.06
CA THR A 136 18.05 14.09 0.04
C THR A 136 17.70 12.81 0.78
N GLU A 137 18.72 12.04 1.13
CA GLU A 137 18.57 10.80 1.89
C GLU A 137 19.18 11.00 3.27
N TRP A 138 18.44 10.66 4.32
CA TRP A 138 18.88 10.88 5.69
C TRP A 138 19.49 9.63 6.33
N GLY A 139 18.72 8.55 6.40
CA GLY A 139 19.16 7.40 7.17
C GLY A 139 20.44 6.78 6.62
N GLY A 140 21.26 6.28 7.54
CA GLY A 140 22.51 5.65 7.13
C GLY A 140 23.54 6.69 6.82
N LYS A 141 24.21 6.57 5.67
CA LYS A 141 25.13 7.58 5.20
C LYS A 141 24.33 8.61 4.42
N PRO A 142 24.11 9.81 4.95
CA PRO A 142 23.28 10.79 4.25
C PRO A 142 23.94 11.24 2.95
N LYS A 143 23.10 11.56 1.97
CA LYS A 143 23.56 11.95 0.65
C LYS A 143 22.41 12.61 -0.09
N ILE A 144 22.76 13.28 -1.19
CA ILE A 144 21.79 13.85 -2.11
C ILE A 144 21.90 13.09 -3.42
N ASP A 145 20.80 12.48 -3.84
CA ASP A 145 20.79 11.61 -5.01
C ASP A 145 19.98 12.22 -6.13
N ARG A 146 20.21 11.71 -7.34
CA ARG A 146 19.51 12.17 -8.53
C ARG A 146 19.13 10.96 -9.38
N ALA A 147 17.95 11.04 -10.00
CA ALA A 147 17.49 10.02 -10.92
C ALA A 147 16.73 10.68 -12.06
N ALA A 148 16.42 9.91 -13.09
CA ALA A 148 15.44 10.38 -14.05
C ALA A 148 14.07 10.43 -13.37
N MET A 149 13.18 11.26 -13.91
CA MET A 149 11.87 11.38 -13.26
C MET A 149 10.99 10.16 -13.45
N ASP A 150 11.47 9.12 -14.13
CA ASP A 150 10.87 7.80 -14.05
C ASP A 150 11.60 6.87 -13.08
N GLY A 151 12.58 7.41 -12.33
CA GLY A 151 13.34 6.62 -11.38
C GLY A 151 14.61 6.00 -11.91
N SER A 152 14.81 5.99 -13.24
CA SER A 152 15.94 5.29 -13.83
C SER A 152 17.25 6.06 -13.63
N GLU A 153 18.35 5.34 -13.86
CA GLU A 153 19.71 5.87 -13.78
C GLU A 153 19.94 6.69 -12.51
N ARG A 154 19.55 6.11 -11.38
CA ARG A 154 19.83 6.74 -10.10
C ARG A 154 21.33 6.89 -9.90
N THR A 155 21.73 8.02 -9.33
CA THR A 155 23.13 8.33 -9.10
C THR A 155 23.22 9.20 -7.85
N THR A 156 24.39 9.21 -7.23
CA THR A 156 24.64 10.02 -6.05
C THR A 156 25.37 11.30 -6.46
N LEU A 157 24.75 12.44 -6.19
CA LEU A 157 25.30 13.73 -6.58
C LEU A 157 26.25 14.28 -5.54
N VAL A 158 25.81 14.36 -4.29
CA VAL A 158 26.62 14.85 -3.17
C VAL A 158 26.67 13.77 -2.11
N PRO A 159 27.80 13.07 -1.98
CA PRO A 159 27.87 11.94 -1.03
C PRO A 159 28.28 12.36 0.37
N ASN A 160 28.96 13.49 0.51
CA ASN A 160 29.46 13.96 1.80
C ASN A 160 28.62 15.15 2.23
N VAL A 161 27.56 14.88 2.95
CA VAL A 161 26.73 15.92 3.40
C VAL A 161 25.99 15.34 4.56
N GLY A 162 25.45 16.19 5.39
CA GLY A 162 24.64 15.72 6.47
C GLY A 162 23.23 15.67 6.00
N ARG A 163 22.34 15.41 6.92
CA ARG A 163 20.98 15.34 6.56
C ARG A 163 20.53 16.66 6.04
N ALA A 164 19.88 16.66 4.89
CA ALA A 164 19.54 17.91 4.24
C ALA A 164 18.11 18.13 3.97
N ASN A 165 17.73 19.38 3.94
CA ASN A 165 16.37 19.75 3.73
C ASN A 165 16.33 20.97 2.84
N GLY A 166 15.15 21.32 2.38
CA GLY A 166 15.00 22.43 1.49
C GLY A 166 15.66 22.36 0.16
N LEU A 167 15.69 21.19 -0.43
CA LEU A 167 16.26 21.06 -1.72
C LEU A 167 15.45 21.91 -2.62
N THR A 168 16.12 22.83 -3.27
CA THR A 168 15.46 23.82 -4.10
C THR A 168 16.33 24.06 -5.33
N ILE A 169 15.67 24.20 -6.49
CA ILE A 169 16.37 24.36 -7.76
C ILE A 169 16.18 25.80 -8.26
N ASP A 170 17.30 26.46 -8.55
CA ASP A 170 17.30 27.76 -9.23
C ASP A 170 17.41 27.45 -10.72
N TYR A 171 16.25 27.32 -11.37
CA TYR A 171 16.24 26.90 -12.77
C TYR A 171 16.94 27.91 -13.67
N ALA A 172 16.78 29.20 -13.37
CA ALA A 172 17.41 30.24 -14.19
C ALA A 172 18.93 30.13 -14.16
N LYS A 173 19.51 29.89 -12.99
CA LYS A 173 20.95 29.88 -12.85
C LYS A 173 21.53 28.47 -12.77
N ARG A 174 20.69 27.43 -12.88
CA ARG A 174 21.14 26.03 -12.86
C ARG A 174 21.96 25.71 -11.61
N ARG A 175 21.32 25.88 -10.45
CA ARG A 175 21.99 25.68 -9.16
C ARG A 175 21.05 25.02 -8.16
N LEU A 176 21.64 24.18 -7.31
CA LEU A 176 20.93 23.48 -6.24
C LEU A 176 21.23 24.15 -4.91
N TYR A 177 20.20 24.35 -4.09
CA TYR A 177 20.33 24.90 -2.75
C TYR A 177 19.73 23.94 -1.73
N TRP A 178 20.37 23.85 -0.56
CA TRP A 178 19.82 23.04 0.52
C TRP A 178 20.34 23.57 1.85
N THR A 179 19.60 23.25 2.91
CA THR A 179 20.08 23.44 4.28
C THR A 179 20.55 22.10 4.83
N ASP A 180 21.67 22.12 5.54
CA ASP A 180 22.25 20.94 6.18
C ASP A 180 21.86 20.93 7.65
N LEU A 181 20.93 20.05 8.02
CA LEU A 181 20.40 20.04 9.38
C LEU A 181 21.39 19.47 10.41
N ASP A 182 22.57 19.03 10.00
CA ASP A 182 23.59 18.54 10.92
C ASP A 182 24.78 19.47 11.06
N THR A 183 25.28 20.02 9.95
CA THR A 183 26.34 21.02 10.01
C THR A 183 25.79 22.45 10.14
N ASN A 184 24.46 22.60 10.08
CA ASN A 184 23.79 23.87 10.37
C ASN A 184 24.33 25.00 9.49
N LEU A 185 24.35 24.76 8.18
CA LEU A 185 24.69 25.82 7.23
C LEU A 185 23.84 25.66 5.98
N ILE A 186 23.92 26.65 5.10
CA ILE A 186 23.17 26.69 3.85
C ILE A 186 24.17 26.77 2.71
N GLU A 187 24.05 25.84 1.75
CA GLU A 187 25.03 25.75 0.70
C GLU A 187 24.34 25.55 -0.64
N SER A 188 25.13 25.67 -1.70
CA SER A 188 24.65 25.49 -3.04
C SER A 188 25.68 24.88 -3.94
N SER A 189 25.24 24.30 -5.03
CA SER A 189 26.13 23.70 -6.03
C SER A 189 25.47 23.81 -7.40
N ASN A 190 26.22 23.43 -8.44
CA ASN A 190 25.59 23.30 -9.75
C ASN A 190 24.81 21.98 -9.81
N MET A 191 24.22 21.70 -10.97
CA MET A 191 23.31 20.55 -11.06
C MET A 191 24.02 19.21 -11.02
N LEU A 192 25.32 19.19 -11.24
CA LEU A 192 26.11 17.96 -11.13
C LEU A 192 26.62 17.72 -9.71
N GLY A 193 26.26 18.56 -8.76
CA GLY A 193 26.78 18.47 -7.40
C GLY A 193 28.17 19.07 -7.22
N LEU A 194 28.72 19.71 -8.26
CA LEU A 194 30.04 20.30 -8.21
C LEU A 194 29.93 21.81 -8.05
N ASN A 195 31.09 22.47 -8.02
CA ASN A 195 31.19 23.90 -7.74
C ASN A 195 30.42 24.26 -6.46
N ARG A 196 30.67 23.48 -5.42
CA ARG A 196 29.96 23.68 -4.16
C ARG A 196 30.40 24.96 -3.47
N GLU A 197 29.45 25.64 -2.85
CA GLU A 197 29.72 26.86 -2.10
C GLU A 197 28.79 26.93 -0.90
N VAL A 198 29.30 27.45 0.22
CA VAL A 198 28.49 27.65 1.42
C VAL A 198 27.92 29.06 1.38
N ILE A 199 26.59 29.17 1.40
CA ILE A 199 25.94 30.46 1.22
C ILE A 199 25.94 31.25 2.52
N ALA A 200 25.56 30.61 3.61
CA ALA A 200 25.46 31.23 4.92
C ALA A 200 25.89 30.18 5.95
N ASP A 201 26.84 30.55 6.83
CA ASP A 201 27.41 29.60 7.77
C ASP A 201 27.23 29.97 9.24
N ASP A 202 26.57 31.08 9.56
CA ASP A 202 26.47 31.54 10.94
C ASP A 202 25.06 31.42 11.50
N LEU A 203 24.29 30.47 10.97
CA LEU A 203 22.90 30.35 11.41
C LEU A 203 22.73 29.21 12.40
N PRO A 204 21.97 29.42 13.48
CA PRO A 204 21.93 28.40 14.54
C PRO A 204 21.19 27.14 14.13
N HIS A 205 20.05 27.27 13.49
CA HIS A 205 19.17 26.16 13.21
C HIS A 205 18.42 26.40 11.89
N PRO A 206 19.12 26.46 10.76
CA PRO A 206 18.45 26.67 9.47
C PRO A 206 17.74 25.40 9.02
N PHE A 207 16.43 25.48 8.79
CA PHE A 207 15.64 24.29 8.51
C PHE A 207 15.04 24.28 7.12
N GLY A 208 14.21 25.27 6.77
CA GLY A 208 13.55 25.32 5.49
C GLY A 208 14.25 26.25 4.53
N LEU A 209 13.91 26.13 3.25
CA LEU A 209 14.60 26.94 2.25
C LEU A 209 13.75 27.01 0.99
N THR A 210 13.89 28.12 0.27
CA THR A 210 13.31 28.29 -1.05
C THR A 210 14.14 29.34 -1.78
N GLN A 211 13.87 29.52 -3.08
CA GLN A 211 14.65 30.45 -3.89
C GLN A 211 13.72 31.25 -4.78
N TYR A 212 14.09 32.51 -5.01
CA TYR A 212 13.27 33.36 -5.87
C TYR A 212 14.10 34.54 -6.35
N GLN A 213 14.18 34.70 -7.68
CA GLN A 213 14.91 35.80 -8.28
C GLN A 213 16.33 35.84 -7.73
N ASP A 214 16.70 36.97 -7.12
CA ASP A 214 18.06 37.14 -6.60
C ASP A 214 18.21 36.68 -5.16
N TYR A 215 17.19 36.07 -4.58
CA TYR A 215 17.16 35.83 -3.15
C TYR A 215 16.94 34.35 -2.83
N ILE A 216 17.43 33.95 -1.66
CA ILE A 216 16.95 32.74 -1.02
C ILE A 216 16.15 33.14 0.20
N TYR A 217 15.18 32.30 0.56
CA TYR A 217 14.40 32.47 1.77
C TYR A 217 14.61 31.23 2.63
N TRP A 218 14.85 31.44 3.92
CA TRP A 218 15.00 30.32 4.84
C TRP A 218 14.18 30.57 6.08
N THR A 219 13.96 29.50 6.84
CA THR A 219 13.40 29.62 8.18
C THR A 219 14.34 28.95 9.18
N ASP A 220 14.53 29.61 10.31
CA ASP A 220 15.38 29.12 11.38
C ASP A 220 14.53 28.84 12.60
N TRP A 221 14.56 27.59 13.06
CA TRP A 221 13.73 27.20 14.19
C TRP A 221 14.17 27.86 15.49
N SER A 222 15.46 28.18 15.61
CA SER A 222 15.93 28.86 16.81
C SER A 222 15.66 30.36 16.74
N ARG A 223 15.79 30.96 15.56
CA ARG A 223 15.44 32.37 15.41
C ARG A 223 13.95 32.58 15.28
N ARG A 224 13.21 31.51 15.02
CA ARG A 224 11.78 31.61 14.83
C ARG A 224 11.47 32.70 13.89
N SER A 225 11.79 32.48 12.63
CA SER A 225 11.66 33.55 11.66
C SER A 225 11.70 32.99 10.25
N ILE A 226 11.20 33.80 9.31
CA ILE A 226 11.41 33.59 7.88
C ILE A 226 12.23 34.76 7.39
N GLU A 227 13.34 34.46 6.70
CA GLU A 227 14.33 35.47 6.36
C GLU A 227 14.70 35.35 4.89
N ARG A 228 15.27 36.43 4.36
CA ARG A 228 15.67 36.50 2.97
C ARG A 228 17.08 37.08 2.86
N ALA A 229 17.88 36.54 1.94
CA ALA A 229 19.26 36.98 1.75
C ALA A 229 19.63 36.93 0.28
N ASN A 230 20.87 37.27 -0.05
CA ASN A 230 21.38 37.20 -1.41
C ASN A 230 21.68 35.79 -1.62
N LYS A 231 21.19 35.25 -2.70
CA LYS A 231 21.31 33.81 -2.94
C LYS A 231 22.74 33.37 -3.23
N THR A 232 23.62 34.29 -3.63
CA THR A 232 25.00 33.92 -3.95
C THR A 232 25.96 34.23 -2.81
N SER A 233 25.76 35.34 -2.09
CA SER A 233 26.67 35.77 -1.05
C SER A 233 26.14 35.57 0.35
N GLY A 234 24.83 35.43 0.52
CA GLY A 234 24.23 35.28 1.83
C GLY A 234 24.04 36.55 2.61
N GLN A 235 24.42 37.71 2.06
CA GLN A 235 24.31 39.00 2.74
C GLN A 235 22.98 39.65 2.34
N ASN A 236 22.82 40.91 2.69
CA ASN A 236 21.59 41.63 2.41
C ASN A 236 20.46 40.93 3.07
N ARG A 237 20.62 40.60 4.31
CA ARG A 237 19.61 39.84 5.03
C ARG A 237 18.53 40.75 5.56
N THR A 238 17.28 40.26 5.48
CA THR A 238 16.13 40.91 6.10
C THR A 238 15.23 39.83 6.68
N ILE A 239 14.38 40.21 7.63
CA ILE A 239 13.44 39.29 8.25
C ILE A 239 12.08 39.53 7.63
N ILE A 240 11.48 38.46 7.09
CA ILE A 240 10.19 38.60 6.43
C ILE A 240 9.06 38.60 7.44
N GLN A 241 9.09 37.66 8.39
CA GLN A 241 8.15 37.67 9.52
C GLN A 241 8.75 36.80 10.63
N GLY A 242 8.72 37.33 11.85
CA GLY A 242 9.28 36.64 13.00
C GLY A 242 8.21 36.05 13.90
N HIS A 243 8.69 35.52 15.04
CA HIS A 243 7.84 34.89 16.04
C HIS A 243 7.03 33.74 15.43
N LEU A 244 7.66 33.00 14.50
CA LEU A 244 7.07 31.82 13.89
C LEU A 244 7.97 30.64 14.21
N ASP A 245 7.52 29.76 15.09
CA ASP A 245 8.31 28.60 15.47
C ASP A 245 7.80 27.36 14.74
N TYR A 246 8.74 26.48 14.37
CA TYR A 246 8.43 25.18 13.75
C TYR A 246 7.68 25.35 12.43
N VAL A 247 8.21 26.23 11.59
CA VAL A 247 7.75 26.34 10.22
C VAL A 247 8.25 25.14 9.44
N MET A 248 7.31 24.31 8.98
CA MET A 248 7.63 23.02 8.37
C MET A 248 8.20 23.19 6.96
N ASP A 249 7.67 24.13 6.18
CA ASP A 249 8.18 24.35 4.83
C ASP A 249 7.84 25.76 4.38
N ILE A 250 8.67 26.31 3.50
CA ILE A 250 8.39 27.57 2.85
C ILE A 250 8.56 27.38 1.34
N LEU A 251 7.91 28.26 0.59
CA LEU A 251 7.80 28.10 -0.86
C LEU A 251 7.34 29.41 -1.47
N VAL A 252 7.96 29.80 -2.59
CA VAL A 252 7.55 30.99 -3.32
C VAL A 252 6.59 30.59 -4.42
N PHE A 253 5.45 31.26 -4.49
CA PHE A 253 4.43 30.99 -5.50
C PHE A 253 4.49 32.03 -6.56
N HIS A 254 5.02 31.69 -7.71
CA HIS A 254 5.01 32.58 -8.85
C HIS A 254 5.21 31.79 -10.13
N SER A 255 4.65 32.31 -11.24
CA SER A 255 4.70 31.62 -12.51
C SER A 255 6.13 31.33 -12.97
N SER A 256 7.09 32.17 -12.59
CA SER A 256 8.47 31.98 -13.01
C SER A 256 9.13 30.77 -12.34
N ARG A 257 8.58 30.24 -11.25
CA ARG A 257 9.11 29.02 -10.68
C ARG A 257 8.73 27.78 -11.51
N GLN A 258 7.66 27.86 -12.30
CA GLN A 258 7.17 26.70 -13.05
C GLN A 258 7.09 27.09 -14.52
N SER A 259 8.21 26.95 -15.22
CA SER A 259 8.27 27.33 -16.63
C SER A 259 8.85 26.19 -17.46
N GLY A 260 9.11 26.45 -18.75
CA GLY A 260 9.68 25.44 -19.61
C GLY A 260 8.64 24.50 -20.19
N TRP A 261 9.11 23.58 -21.02
CA TRP A 261 8.22 22.69 -21.74
C TRP A 261 8.89 21.34 -21.95
N ASN A 262 8.08 20.27 -21.93
CA ASN A 262 8.51 18.96 -22.35
C ASN A 262 7.35 18.30 -23.10
N GLU A 263 7.60 17.10 -23.61
CA GLU A 263 6.63 16.43 -24.46
C GLU A 263 5.41 15.93 -23.70
N CYS A 264 5.43 15.91 -22.37
CA CYS A 264 4.26 15.53 -21.60
C CYS A 264 3.23 16.65 -21.52
N ALA A 265 3.64 17.90 -21.74
CA ALA A 265 2.71 19.02 -21.63
C ALA A 265 1.65 19.00 -22.73
N SER A 266 1.90 18.29 -23.83
CA SER A 266 0.96 18.17 -24.93
C SER A 266 0.35 16.78 -24.92
N SER A 267 -0.97 16.71 -24.69
CA SER A 267 -1.76 15.48 -24.81
C SER A 267 -1.16 14.34 -23.98
N ASN A 268 -0.49 14.68 -22.89
CA ASN A 268 0.09 13.70 -21.97
C ASN A 268 0.99 12.71 -22.70
N GLY A 269 1.71 13.20 -23.71
CA GLY A 269 2.62 12.36 -24.46
C GLY A 269 1.96 11.21 -25.19
N HIS A 270 0.63 11.24 -25.37
CA HIS A 270 -0.14 10.10 -25.87
C HIS A 270 0.10 8.84 -25.03
N CYS A 271 0.49 9.04 -23.77
CA CYS A 271 0.62 7.96 -22.80
C CYS A 271 -0.74 7.73 -22.14
N SER A 272 -1.15 6.46 -22.06
CA SER A 272 -2.47 6.13 -21.54
C SER A 272 -2.60 6.42 -20.05
N HIS A 273 -1.53 6.20 -19.26
CA HIS A 273 -1.64 6.43 -17.83
C HIS A 273 -0.74 7.53 -17.31
N LEU A 274 0.58 7.39 -17.42
CA LEU A 274 1.52 8.32 -16.81
C LEU A 274 2.50 8.80 -17.87
N CYS A 275 2.78 10.08 -17.86
CA CYS A 275 3.84 10.62 -18.71
C CYS A 275 4.95 11.08 -17.79
N LEU A 276 6.15 10.55 -18.00
CA LEU A 276 7.25 10.72 -17.05
C LEU A 276 8.47 11.24 -17.78
N ALA A 277 8.98 12.39 -17.33
CA ALA A 277 10.12 13.02 -17.97
C ALA A 277 11.39 12.22 -17.73
N VAL A 278 12.23 12.14 -18.76
CA VAL A 278 13.57 11.56 -18.65
C VAL A 278 14.53 12.40 -19.47
N PRO A 279 15.83 12.32 -19.16
CA PRO A 279 16.82 13.10 -19.92
C PRO A 279 16.82 12.72 -21.40
N VAL A 280 17.05 13.71 -22.25
CA VAL A 280 17.19 15.13 -21.92
C VAL A 280 15.98 15.89 -22.43
N GLY A 281 15.02 16.18 -21.54
CA GLY A 281 13.79 16.79 -21.99
C GLY A 281 12.88 15.88 -22.77
N GLY A 282 13.20 14.59 -22.85
CA GLY A 282 12.32 13.58 -23.40
C GLY A 282 11.44 12.99 -22.32
N PHE A 283 10.84 11.84 -22.65
CA PHE A 283 9.89 11.22 -21.74
C PHE A 283 9.80 9.74 -22.03
N VAL A 284 9.16 9.02 -21.11
CA VAL A 284 8.71 7.65 -21.33
C VAL A 284 7.31 7.54 -20.75
N CYS A 285 6.58 6.53 -21.19
CA CYS A 285 5.27 6.25 -20.62
C CYS A 285 5.40 5.38 -19.38
N GLY A 286 4.56 5.65 -18.39
CA GLY A 286 4.57 4.88 -17.16
C GLY A 286 3.19 4.31 -16.85
N CYS A 287 3.18 3.36 -15.95
CA CYS A 287 1.95 2.62 -15.64
C CYS A 287 1.72 2.62 -14.15
N PRO A 288 0.48 2.38 -13.70
CA PRO A 288 0.23 2.23 -12.26
C PRO A 288 1.03 1.06 -11.72
N ALA A 289 1.18 1.03 -10.40
CA ALA A 289 1.94 -0.02 -9.75
C ALA A 289 1.45 -1.39 -10.19
N HIS A 290 2.40 -2.23 -10.61
CA HIS A 290 2.24 -3.64 -11.04
C HIS A 290 1.66 -3.80 -12.43
N TYR A 291 1.47 -2.73 -13.20
CA TYR A 291 1.02 -2.84 -14.58
C TYR A 291 2.21 -2.99 -15.52
N SER A 292 1.95 -3.53 -16.69
CA SER A 292 2.99 -3.75 -17.69
C SER A 292 2.79 -2.81 -18.88
N LEU A 293 3.89 -2.21 -19.33
CA LEU A 293 3.86 -1.38 -20.52
C LEU A 293 3.71 -2.27 -21.76
N ASN A 294 2.70 -1.99 -22.56
CA ASN A 294 2.44 -2.78 -23.74
C ASN A 294 3.48 -2.64 -24.83
N ALA A 295 3.31 -3.35 -25.93
CA ALA A 295 4.32 -3.38 -26.99
C ALA A 295 4.53 -2.01 -27.61
N ASP A 296 3.49 -1.18 -27.67
CA ASP A 296 3.58 0.13 -28.31
C ASP A 296 4.29 1.17 -27.45
N ASN A 297 4.65 0.83 -26.23
CA ASN A 297 5.25 1.77 -25.32
C ASN A 297 4.31 2.93 -25.01
N ARG A 298 3.01 2.71 -25.10
CA ARG A 298 2.02 3.75 -24.80
C ARG A 298 0.92 3.33 -23.84
N THR A 299 0.45 2.09 -23.92
CA THR A 299 -0.66 1.62 -23.10
C THR A 299 -0.17 0.61 -22.05
N CYS A 300 -1.05 0.28 -21.10
CA CYS A 300 -0.68 -0.53 -19.95
C CYS A 300 -1.66 -1.68 -19.73
N SER A 301 -1.13 -2.84 -19.36
CA SER A 301 -1.92 -4.02 -19.03
C SER A 301 -1.89 -4.28 -17.53
N ALA A 302 -3.07 -4.49 -16.94
CA ALA A 302 -3.14 -4.82 -15.53
C ALA A 302 -2.53 -6.20 -15.29
N PRO A 303 -2.05 -6.45 -14.07
CA PRO A 303 -1.41 -7.74 -13.78
C PRO A 303 -2.43 -8.87 -13.79
N THR A 304 -2.07 -9.97 -14.44
CA THR A 304 -3.00 -11.08 -14.59
C THR A 304 -2.96 -12.03 -13.39
N THR A 305 -1.77 -12.24 -12.84
CA THR A 305 -1.58 -13.15 -11.71
C THR A 305 -0.76 -12.47 -10.63
N PHE A 306 -1.14 -12.66 -9.38
CA PHE A 306 -0.52 -11.94 -8.27
C PHE A 306 -0.84 -12.64 -6.96
N LEU A 307 -0.21 -12.15 -5.89
CA LEU A 307 -0.43 -12.65 -4.53
C LEU A 307 -1.08 -11.56 -3.69
N LEU A 308 -2.07 -11.94 -2.92
CA LEU A 308 -2.73 -11.02 -2.05
C LEU A 308 -2.47 -11.40 -0.60
N PHE A 309 -2.03 -10.46 0.21
CA PHE A 309 -1.84 -10.71 1.63
C PHE A 309 -2.54 -9.73 2.53
N SER A 310 -3.09 -10.20 3.63
CA SER A 310 -3.86 -9.36 4.51
C SER A 310 -3.28 -9.13 5.86
N GLN A 311 -3.58 -7.98 6.46
CA GLN A 311 -3.13 -7.65 7.80
C GLN A 311 -4.41 -7.36 8.58
N LYS A 312 -4.29 -6.65 9.71
CA LYS A 312 -5.47 -6.28 10.47
C LYS A 312 -6.37 -5.30 9.69
N SER A 313 -5.79 -4.21 9.17
CA SER A 313 -6.60 -3.17 8.54
C SER A 313 -6.18 -2.86 7.11
N ALA A 314 -5.37 -3.70 6.49
CA ALA A 314 -4.97 -3.50 5.11
C ALA A 314 -4.92 -4.86 4.41
N ILE A 315 -5.13 -4.82 3.10
CA ILE A 315 -4.94 -5.95 2.20
C ILE A 315 -3.94 -5.51 1.15
N ASN A 316 -2.92 -6.32 0.92
CA ASN A 316 -1.82 -5.91 0.06
C ASN A 316 -1.70 -6.83 -1.14
N ARG A 317 -1.11 -6.30 -2.21
CA ARG A 317 -0.85 -7.05 -3.42
C ARG A 317 0.64 -7.03 -3.72
N MET A 318 1.20 -8.20 -3.99
CA MET A 318 2.57 -8.30 -4.47
C MET A 318 2.57 -9.11 -5.76
N VAL A 319 3.65 -8.97 -6.52
CA VAL A 319 3.84 -9.73 -7.75
C VAL A 319 5.27 -10.21 -7.76
N ILE A 320 5.51 -11.26 -8.52
CA ILE A 320 6.86 -11.77 -8.77
C ILE A 320 7.26 -11.32 -10.16
N ASP A 321 8.43 -10.69 -10.28
CA ASP A 321 8.90 -10.20 -11.56
C ASP A 321 10.39 -9.91 -11.48
N GLU A 322 10.93 -9.35 -12.57
CA GLU A 322 12.35 -9.04 -12.67
C GLU A 322 12.69 -7.64 -12.18
N GLN A 323 11.69 -6.84 -11.84
CA GLN A 323 11.92 -5.55 -11.19
C GLN A 323 11.92 -5.66 -9.66
N GLN A 324 11.63 -6.85 -9.13
CA GLN A 324 11.38 -7.01 -7.69
C GLN A 324 10.41 -5.94 -7.20
N SER A 325 9.36 -5.70 -7.99
CA SER A 325 8.50 -4.56 -7.76
C SER A 325 7.87 -4.63 -6.37
N PRO A 326 7.78 -3.50 -5.66
CA PRO A 326 7.31 -3.54 -4.28
C PRO A 326 5.85 -3.92 -4.19
N ASP A 327 5.50 -4.51 -3.05
CA ASP A 327 4.11 -4.70 -2.73
C ASP A 327 3.44 -3.33 -2.58
N ILE A 328 2.13 -3.31 -2.78
CA ILE A 328 1.36 -2.11 -2.54
C ILE A 328 0.15 -2.49 -1.72
N ILE A 329 -0.46 -1.48 -1.11
CA ILE A 329 -1.66 -1.67 -0.31
C ILE A 329 -2.85 -1.29 -1.18
N LEU A 330 -3.84 -2.15 -1.23
CA LEU A 330 -5.00 -1.89 -2.07
C LEU A 330 -5.81 -0.75 -1.46
N PRO A 331 -6.20 0.26 -2.23
CA PRO A 331 -6.93 1.42 -1.70
C PRO A 331 -8.40 1.12 -1.46
N ILE A 332 -8.67 0.25 -0.51
CA ILE A 332 -10.03 -0.21 -0.24
C ILE A 332 -10.54 0.59 0.95
N HIS A 333 -11.40 1.57 0.69
CA HIS A 333 -12.20 2.15 1.75
C HIS A 333 -13.20 1.11 2.24
N SER A 334 -13.79 1.37 3.40
CA SER A 334 -14.73 0.45 4.04
C SER A 334 -14.06 -0.86 4.44
N LEU A 335 -12.74 -0.89 4.45
CA LEU A 335 -11.99 -2.01 5.03
C LEU A 335 -11.51 -1.57 6.40
N ARG A 336 -12.05 -2.19 7.45
CA ARG A 336 -11.68 -1.89 8.81
C ARG A 336 -10.88 -3.00 9.47
N ASN A 337 -11.41 -4.19 9.38
CA ASN A 337 -10.70 -5.31 9.90
C ASN A 337 -10.81 -6.43 8.94
N VAL A 338 -9.71 -6.97 8.54
CA VAL A 338 -9.71 -8.18 7.79
C VAL A 338 -9.18 -9.35 8.59
N ARG A 339 -9.81 -10.51 8.47
CA ARG A 339 -9.34 -11.74 9.12
C ARG A 339 -9.08 -12.83 8.11
N ALA A 340 -9.75 -12.77 6.97
CA ALA A 340 -9.57 -13.73 5.91
C ALA A 340 -9.90 -13.17 4.56
N ILE A 341 -9.28 -13.69 3.52
CA ILE A 341 -9.52 -13.21 2.16
C ILE A 341 -9.71 -14.28 1.10
N ASP A 342 -10.43 -13.96 0.03
CA ASP A 342 -10.57 -14.83 -1.13
C ASP A 342 -10.86 -13.94 -2.34
N TYR A 343 -10.62 -14.49 -3.53
CA TYR A 343 -10.72 -13.71 -4.76
C TYR A 343 -11.56 -14.47 -5.79
N ASP A 344 -12.42 -13.73 -6.48
CA ASP A 344 -13.19 -14.30 -7.58
C ASP A 344 -12.50 -13.92 -8.88
N PRO A 345 -11.86 -14.85 -9.59
CA PRO A 345 -11.10 -14.51 -10.79
C PRO A 345 -11.97 -14.32 -12.03
N LEU A 346 -13.28 -14.51 -11.92
CA LEU A 346 -14.19 -14.26 -13.03
C LEU A 346 -14.54 -12.78 -13.13
N ASP A 347 -15.09 -12.20 -12.07
CA ASP A 347 -15.47 -10.80 -12.04
C ASP A 347 -14.38 -9.90 -11.44
N LYS A 348 -13.22 -10.46 -11.12
CA LYS A 348 -12.11 -9.70 -10.54
C LYS A 348 -12.52 -8.99 -9.26
N GLN A 349 -13.23 -9.71 -8.39
CA GLN A 349 -13.74 -9.15 -7.15
C GLN A 349 -13.03 -9.80 -5.97
N LEU A 350 -12.55 -8.97 -5.05
CA LEU A 350 -11.87 -9.43 -3.85
C LEU A 350 -12.86 -9.48 -2.69
N TYR A 351 -12.80 -10.57 -1.93
CA TYR A 351 -13.74 -10.83 -0.84
C TYR A 351 -12.97 -10.95 0.46
N TRP A 352 -13.58 -10.51 1.56
CA TRP A 352 -12.90 -10.59 2.84
C TRP A 352 -13.90 -10.63 3.98
N ILE A 353 -13.46 -11.21 5.10
CA ILE A 353 -14.24 -11.24 6.34
C ILE A 353 -13.81 -10.07 7.22
N ASP A 354 -14.74 -9.31 7.76
CA ASP A 354 -14.44 -8.23 8.67
C ASP A 354 -14.92 -8.62 10.01
N SER A 355 -14.01 -8.94 10.89
CA SER A 355 -14.39 -9.44 12.21
C SER A 355 -14.78 -8.33 13.18
N ARG A 356 -14.58 -7.05 12.83
CA ARG A 356 -15.11 -6.00 13.69
C ARG A 356 -16.61 -5.87 13.52
N GLN A 357 -17.09 -5.85 12.29
CA GLN A 357 -18.54 -5.80 12.04
C GLN A 357 -19.13 -7.17 11.77
N ASN A 358 -18.31 -8.22 11.74
CA ASN A 358 -18.76 -9.60 11.57
C ASN A 358 -19.52 -9.76 10.26
N MET A 359 -18.84 -9.41 9.17
CA MET A 359 -19.42 -9.42 7.83
C MET A 359 -18.43 -10.02 6.83
N ILE A 360 -18.98 -10.43 5.70
CA ILE A 360 -18.21 -10.73 4.49
C ILE A 360 -18.48 -9.61 3.49
N ARG A 361 -17.42 -8.94 3.04
CA ARG A 361 -17.51 -7.87 2.06
C ARG A 361 -16.79 -8.26 0.78
N LYS A 362 -17.13 -7.54 -0.28
CA LYS A 362 -16.43 -7.64 -1.55
C LYS A 362 -16.25 -6.26 -2.15
N ALA A 363 -15.19 -6.09 -2.93
CA ALA A 363 -14.95 -4.84 -3.63
C ALA A 363 -13.93 -5.07 -4.73
N GLN A 364 -13.91 -4.16 -5.70
CA GLN A 364 -12.82 -4.11 -6.66
C GLN A 364 -11.51 -3.76 -5.95
N GLU A 365 -10.40 -4.02 -6.62
CA GLU A 365 -9.10 -3.69 -6.03
C GLU A 365 -8.83 -2.19 -6.02
N ASP A 366 -9.62 -1.39 -6.74
CA ASP A 366 -9.56 0.06 -6.65
C ASP A 366 -10.51 0.63 -5.60
N GLY A 367 -11.06 -0.24 -4.73
CA GLY A 367 -11.95 0.15 -3.67
C GLY A 367 -13.42 0.21 -4.04
N SER A 368 -13.74 0.42 -5.32
CA SER A 368 -15.10 0.65 -5.74
C SER A 368 -15.90 -0.66 -5.71
N GLN A 369 -17.19 -0.54 -6.00
CA GLN A 369 -18.10 -1.69 -6.01
C GLN A 369 -18.10 -2.43 -4.68
N GLY A 370 -18.02 -1.66 -3.59
CA GLY A 370 -18.16 -2.22 -2.26
C GLY A 370 -19.54 -2.82 -2.07
N PHE A 371 -19.59 -4.03 -1.50
CA PHE A 371 -20.85 -4.70 -1.27
C PHE A 371 -20.70 -5.65 -0.09
N THR A 372 -21.78 -5.83 0.65
CA THR A 372 -21.80 -6.67 1.84
C THR A 372 -22.56 -7.95 1.52
N VAL A 373 -21.85 -9.07 1.46
CA VAL A 373 -22.44 -10.33 1.07
C VAL A 373 -23.19 -10.99 2.23
N VAL A 374 -22.62 -10.90 3.43
CA VAL A 374 -23.19 -11.48 4.64
C VAL A 374 -23.15 -10.43 5.75
N VAL A 375 -24.26 -10.27 6.47
CA VAL A 375 -24.35 -9.28 7.52
C VAL A 375 -25.35 -9.76 8.57
N SER A 376 -25.19 -9.29 9.80
CA SER A 376 -26.12 -9.57 10.88
C SER A 376 -26.88 -8.30 11.25
N SER A 377 -28.18 -8.47 11.52
CA SER A 377 -29.01 -7.33 11.91
C SER A 377 -28.49 -6.74 13.22
N VAL A 378 -28.58 -5.42 13.34
CA VAL A 378 -28.05 -4.72 14.50
C VAL A 378 -28.79 -5.15 15.77
N LEU A 383 -29.96 -13.92 15.34
CA LEU A 383 -29.20 -13.45 16.48
C LEU A 383 -27.82 -12.91 16.07
N GLU A 384 -26.75 -13.64 16.41
CA GLU A 384 -25.39 -13.16 16.20
C GLU A 384 -24.59 -14.18 15.38
N ILE A 385 -23.91 -13.70 14.35
CA ILE A 385 -23.01 -14.52 13.53
C ILE A 385 -21.59 -13.99 13.71
N GLN A 386 -20.64 -14.77 13.23
CA GLN A 386 -19.22 -14.49 13.44
C GLN A 386 -18.37 -15.24 12.42
N PRO A 387 -18.30 -14.76 11.18
CA PRO A 387 -17.58 -15.51 10.14
C PRO A 387 -16.11 -15.72 10.54
N TYR A 388 -15.59 -16.90 10.20
CA TYR A 388 -14.22 -17.26 10.59
C TYR A 388 -13.29 -17.46 9.42
N ASP A 389 -13.71 -18.21 8.40
CA ASP A 389 -12.93 -18.41 7.19
C ASP A 389 -13.90 -18.54 6.03
N LEU A 390 -13.40 -18.31 4.82
CA LEU A 390 -14.24 -18.36 3.63
C LEU A 390 -13.48 -19.00 2.48
N SER A 391 -14.24 -19.55 1.54
CA SER A 391 -13.70 -20.18 0.35
C SER A 391 -14.76 -20.12 -0.73
N ILE A 392 -14.36 -19.72 -1.92
CA ILE A 392 -15.29 -19.39 -3.00
C ILE A 392 -15.35 -20.56 -3.97
N ASP A 393 -16.58 -21.04 -4.24
CA ASP A 393 -16.83 -21.92 -5.38
C ASP A 393 -17.05 -21.01 -6.59
N ILE A 394 -16.00 -20.87 -7.41
CA ILE A 394 -16.06 -19.95 -8.54
C ILE A 394 -17.01 -20.44 -9.64
N TYR A 395 -17.30 -21.74 -9.69
CA TYR A 395 -18.16 -22.27 -10.74
C TYR A 395 -19.63 -22.15 -10.38
N SER A 396 -19.99 -22.53 -9.16
CA SER A 396 -21.36 -22.44 -8.69
C SER A 396 -21.72 -21.05 -8.17
N ARG A 397 -20.75 -20.14 -8.11
CA ARG A 397 -20.96 -18.76 -7.67
C ARG A 397 -21.42 -18.70 -6.22
N TYR A 398 -20.74 -19.45 -5.36
CA TYR A 398 -21.09 -19.57 -3.95
C TYR A 398 -19.89 -19.28 -3.08
N ILE A 399 -20.17 -18.83 -1.86
CA ILE A 399 -19.15 -18.67 -0.83
C ILE A 399 -19.45 -19.69 0.26
N TYR A 400 -18.46 -20.48 0.63
CA TYR A 400 -18.64 -21.38 1.73
C TYR A 400 -17.93 -20.74 2.88
N TRP A 401 -18.66 -20.53 3.97
CA TRP A 401 -18.08 -19.88 5.12
C TRP A 401 -18.36 -20.49 6.45
N THR A 402 -17.44 -20.35 7.38
CA THR A 402 -17.58 -20.89 8.71
C THR A 402 -17.96 -19.83 9.69
N GLU A 404 -18.03 -18.92 13.69
CA GLU A 404 -17.53 -19.35 14.98
C GLU A 404 -18.61 -19.38 16.01
N ALA A 405 -19.51 -18.42 15.94
CA ALA A 405 -20.57 -18.35 16.91
C ALA A 405 -21.55 -19.46 16.87
N THR A 406 -21.91 -19.91 15.70
CA THR A 406 -22.92 -20.93 15.59
C THR A 406 -22.35 -22.23 15.16
N ASN A 407 -21.08 -22.25 14.81
CA ASN A 407 -20.42 -23.53 14.47
C ASN A 407 -21.14 -24.26 13.34
N VAL A 408 -21.37 -23.53 12.24
CA VAL A 408 -21.98 -24.10 11.05
C VAL A 408 -21.12 -23.74 9.85
N ILE A 409 -21.28 -24.51 8.78
CA ILE A 409 -20.80 -24.13 7.45
C ILE A 409 -22.00 -23.65 6.65
N ASN A 410 -21.96 -22.41 6.24
CA ASN A 410 -23.08 -21.80 5.55
C ASN A 410 -22.68 -21.43 4.18
N VAL A 411 -23.63 -21.36 3.28
CA VAL A 411 -23.39 -21.11 1.85
C VAL A 411 -24.21 -19.91 1.43
N THR A 412 -23.56 -18.95 0.77
CA THR A 412 -24.20 -17.73 0.30
C THR A 412 -23.77 -17.46 -1.13
N ARG A 413 -24.73 -17.08 -1.97
CA ARG A 413 -24.41 -16.61 -3.31
C ARG A 413 -23.72 -15.24 -3.23
N LEU A 414 -22.95 -14.92 -4.28
CA LEU A 414 -22.16 -13.70 -4.26
C LEU A 414 -23.03 -12.44 -4.29
N ASP A 415 -24.31 -12.56 -4.61
CA ASP A 415 -25.24 -11.44 -4.55
C ASP A 415 -25.87 -11.27 -3.16
N GLY A 416 -25.54 -12.15 -2.21
CA GLY A 416 -26.04 -12.04 -0.85
C GLY A 416 -27.18 -12.97 -0.50
N ARG A 417 -27.84 -13.57 -1.49
CA ARG A 417 -28.93 -14.49 -1.20
C ARG A 417 -28.40 -15.74 -0.52
N SER A 418 -29.04 -16.15 0.58
CA SER A 418 -28.59 -17.31 1.32
C SER A 418 -28.92 -18.58 0.56
N VAL A 419 -27.95 -19.48 0.46
CA VAL A 419 -28.20 -20.82 -0.05
C VAL A 419 -28.64 -21.75 1.07
N GLY A 420 -27.90 -21.75 2.17
CA GLY A 420 -28.22 -22.61 3.28
C GLY A 420 -27.00 -23.19 3.95
N VAL A 421 -27.22 -23.91 5.04
CA VAL A 421 -26.13 -24.49 5.83
C VAL A 421 -25.94 -25.94 5.41
N VAL A 422 -24.67 -26.33 5.22
CA VAL A 422 -24.34 -27.69 4.84
C VAL A 422 -23.72 -28.49 5.97
N LEU A 423 -23.28 -27.84 7.06
CA LEU A 423 -22.80 -28.57 8.23
C LEU A 423 -23.34 -27.88 9.48
N LYS A 424 -24.03 -28.66 10.31
CA LYS A 424 -24.25 -28.28 11.70
C LYS A 424 -24.26 -29.55 12.53
N GLY A 425 -23.48 -29.53 13.61
CA GLY A 425 -23.48 -30.62 14.56
C GLY A 425 -23.31 -30.06 15.95
N GLU A 426 -23.78 -30.82 16.93
CA GLU A 426 -23.67 -30.38 18.31
C GLU A 426 -22.20 -30.21 18.71
N GLN A 427 -21.37 -31.19 18.38
CA GLN A 427 -19.97 -31.18 18.76
C GLN A 427 -19.08 -30.44 17.75
N ASP A 428 -19.61 -30.06 16.59
CA ASP A 428 -18.78 -29.59 15.49
C ASP A 428 -18.27 -28.18 15.74
N ARG A 429 -17.00 -27.95 15.36
CA ARG A 429 -16.38 -26.63 15.42
C ARG A 429 -15.60 -26.39 14.12
N PRO A 430 -16.30 -26.13 13.02
CA PRO A 430 -15.61 -25.93 11.74
C PRO A 430 -15.00 -24.54 11.68
N ARG A 431 -13.68 -24.47 11.46
CA ARG A 431 -13.00 -23.18 11.43
C ARG A 431 -12.37 -22.87 10.07
N ALA A 432 -11.36 -23.61 9.64
CA ALA A 432 -10.73 -23.33 8.36
C ALA A 432 -11.45 -24.10 7.27
N ILE A 433 -11.48 -23.55 6.07
CA ILE A 433 -12.24 -24.17 4.99
C ILE A 433 -11.63 -23.78 3.66
N VAL A 434 -11.58 -24.75 2.75
CA VAL A 434 -11.25 -24.52 1.35
C VAL A 434 -12.06 -25.53 0.53
N VAL A 435 -12.68 -25.06 -0.53
CA VAL A 435 -13.56 -25.92 -1.33
C VAL A 435 -12.82 -26.40 -2.57
N ASN A 436 -13.14 -27.61 -3.02
CA ASN A 436 -12.57 -28.21 -4.24
C ASN A 436 -13.74 -28.52 -5.20
N PRO A 437 -14.38 -27.52 -5.82
CA PRO A 437 -15.53 -27.80 -6.70
C PRO A 437 -15.20 -28.72 -7.86
N GLU A 438 -13.93 -28.74 -8.29
CA GLU A 438 -13.54 -29.58 -9.42
C GLU A 438 -13.82 -31.05 -9.13
N LYS A 439 -13.81 -31.44 -7.86
CA LYS A 439 -13.99 -32.82 -7.47
C LYS A 439 -15.13 -33.02 -6.47
N GLY A 440 -15.93 -31.98 -6.20
CA GLY A 440 -17.09 -32.13 -5.34
C GLY A 440 -16.82 -32.22 -3.85
N TYR A 441 -15.69 -31.73 -3.37
CA TYR A 441 -15.34 -31.87 -1.97
C TYR A 441 -14.97 -30.51 -1.37
N MET A 442 -15.22 -30.37 -0.08
CA MET A 442 -14.68 -29.29 0.73
C MET A 442 -13.84 -29.90 1.84
N TYR A 443 -12.83 -29.15 2.27
CA TYR A 443 -11.89 -29.58 3.28
C TYR A 443 -11.91 -28.55 4.41
N PHE A 444 -12.06 -29.01 5.65
CA PHE A 444 -12.20 -28.07 6.74
C PHE A 444 -11.58 -28.63 8.01
N THR A 445 -11.10 -27.73 8.86
CA THR A 445 -10.60 -28.11 10.17
C THR A 445 -11.75 -28.08 11.18
N ASN A 446 -11.82 -29.10 12.01
CA ASN A 446 -12.87 -29.22 13.02
C ASN A 446 -12.17 -29.16 14.37
N LEU A 447 -12.13 -27.96 14.96
CA LEU A 447 -11.42 -27.76 16.22
C LEU A 447 -12.31 -28.17 17.39
N GLN A 448 -12.73 -29.43 17.36
CA GLN A 448 -13.52 -29.99 18.44
C GLN A 448 -12.69 -30.00 19.72
N GLU A 449 -13.39 -29.90 20.85
CA GLU A 449 -12.70 -29.86 22.14
C GLU A 449 -11.91 -31.14 22.34
N ARG A 450 -10.59 -31.00 22.53
CA ARG A 450 -9.63 -32.03 22.85
C ARG A 450 -9.28 -32.91 21.64
N SER A 451 -9.97 -32.77 20.51
CA SER A 451 -9.73 -33.62 19.34
C SER A 451 -9.83 -32.79 18.07
N PRO A 452 -8.79 -32.02 17.76
CA PRO A 452 -8.81 -31.25 16.51
C PRO A 452 -8.65 -32.18 15.31
N LYS A 453 -9.54 -32.02 14.33
CA LYS A 453 -9.58 -32.92 13.20
C LYS A 453 -9.52 -32.14 11.90
N ILE A 454 -8.93 -32.77 10.89
CA ILE A 454 -9.02 -32.32 9.51
C ILE A 454 -10.00 -33.25 8.81
N GLU A 455 -11.01 -32.66 8.16
CA GLU A 455 -12.12 -33.43 7.63
C GLU A 455 -12.40 -33.06 6.19
N ARG A 456 -13.06 -33.98 5.49
CA ARG A 456 -13.55 -33.75 4.15
C ARG A 456 -15.03 -34.12 4.12
N ALA A 457 -15.79 -33.41 3.30
CA ALA A 457 -17.17 -33.80 3.03
C ALA A 457 -17.50 -33.39 1.60
N ALA A 458 -18.61 -33.91 1.10
CA ALA A 458 -19.13 -33.42 -0.17
C ALA A 458 -19.61 -31.98 -0.01
N LEU A 459 -19.63 -31.25 -1.13
CA LEU A 459 -20.05 -29.84 -1.10
C LEU A 459 -21.49 -29.67 -0.63
N ASP A 460 -22.23 -30.75 -0.41
CA ASP A 460 -23.56 -30.70 0.19
C ASP A 460 -23.58 -31.20 1.62
N GLY A 461 -22.41 -31.40 2.23
CA GLY A 461 -22.32 -31.82 3.61
C GLY A 461 -22.31 -33.32 3.85
N THR A 462 -22.60 -34.12 2.82
CA THR A 462 -22.61 -35.56 2.95
C THR A 462 -21.22 -36.13 2.67
N GLU A 463 -21.11 -37.46 2.78
CA GLU A 463 -19.83 -38.17 2.65
C GLU A 463 -18.78 -37.57 3.57
N ARG A 464 -19.18 -37.35 4.82
CA ARG A 464 -18.29 -36.77 5.82
C ARG A 464 -17.30 -37.82 6.27
N GLU A 465 -16.02 -37.44 6.32
CA GLU A 465 -14.99 -38.33 6.81
C GLU A 465 -13.91 -37.50 7.51
N VAL A 466 -13.31 -38.10 8.53
CA VAL A 466 -12.17 -37.49 9.21
C VAL A 466 -10.91 -37.89 8.46
N LEU A 467 -10.15 -36.90 8.00
CA LEU A 467 -8.91 -37.20 7.30
C LEU A 467 -7.77 -37.44 8.29
N PHE A 468 -7.55 -36.50 9.21
CA PHE A 468 -6.48 -36.63 10.19
C PHE A 468 -6.99 -36.19 11.56
N PHE A 469 -6.63 -36.96 12.58
CA PHE A 469 -7.05 -36.64 13.94
C PHE A 469 -5.84 -36.58 14.87
N SER A 470 -4.78 -37.31 14.54
CA SER A 470 -3.59 -37.30 15.36
C SER A 470 -2.59 -36.27 14.85
N GLY A 471 -1.60 -35.97 15.69
CA GLY A 471 -0.55 -35.03 15.33
C GLY A 471 -1.01 -33.61 15.13
N LEU A 472 -2.14 -33.24 15.71
CA LEU A 472 -2.72 -31.90 15.52
C LEU A 472 -2.95 -31.23 16.86
N SER A 473 -2.63 -29.95 16.94
CA SER A 473 -3.02 -29.14 18.08
C SER A 473 -3.97 -28.02 17.67
N LYS A 474 -3.57 -27.15 16.74
CA LYS A 474 -4.41 -26.05 16.30
C LYS A 474 -4.27 -25.91 14.78
N PRO A 475 -4.89 -26.83 14.01
CA PRO A 475 -4.90 -26.64 12.55
C PRO A 475 -5.73 -25.44 12.19
N ILE A 476 -5.05 -24.39 11.72
CA ILE A 476 -5.61 -23.06 11.68
C ILE A 476 -5.72 -22.48 10.28
N ALA A 477 -5.28 -23.22 9.26
CA ALA A 477 -5.24 -22.69 7.90
C ALA A 477 -5.13 -23.83 6.90
N LEU A 478 -5.84 -23.71 5.78
CA LEU A 478 -5.80 -24.71 4.72
C LEU A 478 -5.51 -24.06 3.37
N ALA A 479 -4.97 -24.88 2.47
CA ALA A 479 -4.83 -24.54 1.06
C ALA A 479 -4.82 -25.85 0.28
N LEU A 480 -5.13 -25.77 -1.02
CA LEU A 480 -5.09 -26.97 -1.84
C LEU A 480 -4.68 -26.63 -3.26
N ASP A 481 -4.21 -27.64 -3.97
CA ASP A 481 -3.86 -27.55 -5.38
C ASP A 481 -4.47 -28.74 -6.09
N SER A 482 -5.56 -28.51 -6.82
CA SER A 482 -6.21 -29.60 -7.54
C SER A 482 -5.33 -30.16 -8.65
N ARG A 483 -4.48 -29.33 -9.26
CA ARG A 483 -3.61 -29.82 -10.32
C ARG A 483 -2.62 -30.86 -9.82
N LEU A 484 -1.89 -30.52 -8.75
CA LEU A 484 -0.94 -31.47 -8.16
C LEU A 484 -1.62 -32.51 -7.29
N GLY A 485 -2.89 -32.34 -6.94
CA GLY A 485 -3.54 -33.26 -6.03
C GLY A 485 -3.01 -33.25 -4.62
N LYS A 486 -2.80 -32.06 -4.04
CA LYS A 486 -2.29 -31.95 -2.68
C LYS A 486 -3.18 -31.06 -1.83
N LEU A 487 -3.18 -31.34 -0.53
CA LEU A 487 -3.84 -30.52 0.48
C LEU A 487 -2.80 -30.08 1.50
N PHE A 488 -2.93 -28.84 1.98
CA PHE A 488 -1.95 -28.23 2.86
C PHE A 488 -2.63 -27.65 4.09
N TRP A 489 -1.93 -27.72 5.21
CA TRP A 489 -2.41 -27.05 6.41
C TRP A 489 -1.23 -26.59 7.25
N ALA A 490 -1.49 -25.59 8.07
CA ALA A 490 -0.55 -25.08 9.04
C ALA A 490 -1.13 -25.29 10.44
N ASP A 491 -0.30 -25.75 11.35
CA ASP A 491 -0.65 -25.86 12.76
C ASP A 491 0.10 -24.77 13.51
N SER A 492 -0.65 -23.85 14.14
CA SER A 492 -0.02 -22.72 14.80
C SER A 492 0.53 -23.07 16.17
N ASP A 493 0.13 -24.19 16.77
CA ASP A 493 0.74 -24.62 18.02
C ASP A 493 1.99 -25.46 17.77
N LEU A 494 1.85 -26.51 16.97
CA LEU A 494 2.97 -27.38 16.63
C LEU A 494 3.98 -26.70 15.72
N ARG A 495 3.67 -25.51 15.24
CA ARG A 495 4.62 -24.64 14.55
C ARG A 495 5.18 -25.31 13.30
N ARG A 496 4.28 -25.80 12.44
CA ARG A 496 4.72 -26.53 11.27
C ARG A 496 3.66 -26.51 10.18
N ILE A 497 4.11 -26.85 8.97
CA ILE A 497 3.27 -26.95 7.78
C ILE A 497 3.36 -28.36 7.25
N GLU A 498 2.20 -28.97 7.00
CA GLU A 498 2.12 -30.33 6.51
C GLU A 498 1.33 -30.38 5.21
N SER A 499 1.43 -31.52 4.54
CA SER A 499 0.80 -31.73 3.25
C SER A 499 0.34 -33.18 3.14
N SER A 500 -0.65 -33.40 2.28
CA SER A 500 -1.14 -34.74 2.01
C SER A 500 -1.97 -34.70 0.74
N ASP A 501 -2.09 -35.83 0.07
CA ASP A 501 -2.99 -35.95 -1.06
C ASP A 501 -4.42 -35.65 -0.62
N LEU A 502 -5.26 -35.21 -1.58
CA LEU A 502 -6.65 -34.93 -1.25
C LEU A 502 -7.36 -36.14 -0.68
N SER A 503 -6.87 -37.35 -0.96
CA SER A 503 -7.46 -38.57 -0.44
C SER A 503 -7.11 -38.82 1.01
N GLY A 504 -6.17 -38.06 1.58
CA GLY A 504 -5.69 -38.31 2.92
C GLY A 504 -4.51 -39.23 3.03
N ALA A 505 -3.85 -39.54 1.90
CA ALA A 505 -2.66 -40.37 1.86
C ALA A 505 -1.42 -39.51 1.75
N ASN A 506 -0.27 -40.12 2.02
CA ASN A 506 1.05 -39.50 1.91
C ASN A 506 1.10 -38.16 2.66
N ARG A 507 0.89 -38.23 3.96
CA ARG A 507 1.05 -37.07 4.82
C ARG A 507 2.52 -36.91 5.19
N ILE A 508 3.09 -35.75 4.86
CA ILE A 508 4.47 -35.46 5.25
C ILE A 508 4.52 -34.05 5.85
N VAL A 509 5.52 -33.83 6.68
CA VAL A 509 5.78 -32.51 7.25
C VAL A 509 6.79 -31.81 6.35
N LEU A 510 6.37 -30.70 5.73
CA LEU A 510 7.25 -30.01 4.80
C LEU A 510 8.24 -29.13 5.53
N GLU A 511 7.77 -28.28 6.42
CA GLU A 511 8.63 -27.41 7.20
C GLU A 511 8.21 -27.49 8.66
N ASP A 512 9.18 -27.69 9.55
CA ASP A 512 8.88 -27.80 10.97
C ASP A 512 9.81 -26.99 11.85
N SER A 513 10.79 -26.29 11.28
CA SER A 513 11.76 -25.52 12.04
C SER A 513 11.71 -24.05 11.64
N ASN A 514 12.12 -23.18 12.57
CA ASN A 514 12.19 -21.72 12.35
C ASN A 514 10.83 -21.15 11.96
N ILE A 515 9.77 -21.63 12.61
CA ILE A 515 8.42 -21.11 12.45
C ILE A 515 7.84 -20.89 13.84
N LEU A 516 7.16 -19.75 14.04
CA LEU A 516 6.60 -19.39 15.32
C LEU A 516 5.08 -19.47 15.36
N GLN A 517 4.41 -18.90 14.36
CA GLN A 517 2.97 -18.81 14.38
C GLN A 517 2.43 -18.77 12.95
N PRO A 518 2.41 -19.96 12.29
CA PRO A 518 1.86 -19.99 10.94
C PRO A 518 0.38 -19.85 10.92
N VAL A 519 -0.10 -18.82 10.25
CA VAL A 519 -1.52 -18.55 10.20
C VAL A 519 -2.16 -18.58 8.83
N GLY A 520 -1.38 -18.75 7.80
CA GLY A 520 -1.94 -18.84 6.49
C GLY A 520 -1.15 -19.49 5.43
N LEU A 521 -1.81 -20.02 4.42
CA LEU A 521 -1.14 -20.73 3.35
C LEU A 521 -1.76 -20.53 2.00
N THR A 522 -0.94 -20.48 0.96
CA THR A 522 -1.46 -20.41 -0.41
C THR A 522 -0.53 -21.06 -1.40
N VAL A 523 -1.07 -21.51 -2.52
CA VAL A 523 -0.25 -22.10 -3.56
C VAL A 523 -0.16 -21.25 -4.79
N PHE A 524 1.06 -20.97 -5.19
CA PHE A 524 1.29 -20.16 -6.34
C PHE A 524 2.23 -20.89 -7.23
N GLU A 525 1.74 -21.30 -8.38
CA GLU A 525 2.53 -22.06 -9.34
C GLU A 525 3.10 -23.28 -8.64
N ASN A 526 4.42 -23.46 -8.56
CA ASN A 526 5.01 -24.62 -7.91
C ASN A 526 5.49 -24.34 -6.49
N TRP A 527 5.13 -23.18 -5.95
CA TRP A 527 5.55 -22.79 -4.61
C TRP A 527 4.36 -22.80 -3.66
N LEU A 528 4.65 -23.07 -2.39
CA LEU A 528 3.70 -22.92 -1.31
C LEU A 528 4.13 -21.75 -0.44
N TYR A 529 3.33 -20.68 -0.44
CA TYR A 529 3.58 -19.51 0.38
C TYR A 529 2.89 -19.65 1.72
N TRP A 530 3.50 -19.11 2.77
CA TRP A 530 2.83 -19.03 4.06
C TRP A 530 3.25 -17.76 4.79
N ILE A 531 2.46 -17.45 5.80
CA ILE A 531 2.70 -16.30 6.60
C ILE A 531 2.91 -16.66 8.07
N ASP A 532 3.95 -16.12 8.67
CA ASP A 532 4.27 -16.33 10.08
C ASP A 532 3.94 -15.03 10.82
N LYS A 533 2.82 -15.03 11.55
CA LYS A 533 2.41 -13.82 12.26
C LYS A 533 3.46 -13.38 13.27
N GLN A 534 3.97 -14.30 14.08
CA GLN A 534 4.90 -13.92 15.13
C GLN A 534 6.23 -13.44 14.57
N GLN A 535 6.71 -14.08 13.49
CA GLN A 535 7.96 -13.67 12.86
C GLN A 535 7.76 -12.56 11.84
N GLN A 536 6.52 -12.17 11.55
CA GLN A 536 6.22 -11.07 10.64
C GLN A 536 6.82 -11.28 9.25
N MET A 537 6.71 -12.51 8.73
CA MET A 537 7.37 -12.90 7.49
C MET A 537 6.43 -13.60 6.54
N ILE A 538 6.73 -13.48 5.25
CA ILE A 538 6.18 -14.31 4.19
C ILE A 538 7.31 -15.20 3.68
N GLU A 539 7.07 -16.51 3.62
CA GLU A 539 8.07 -17.46 3.17
C GLU A 539 7.45 -18.40 2.15
N LYS A 540 8.31 -19.11 1.43
CA LYS A 540 7.85 -20.05 0.43
C LYS A 540 8.81 -21.23 0.35
N ILE A 541 8.30 -22.35 -0.15
CA ILE A 541 9.10 -23.55 -0.40
C ILE A 541 8.79 -24.06 -1.80
N ASP A 542 9.84 -24.48 -2.51
CA ASP A 542 9.65 -25.07 -3.83
C ASP A 542 9.07 -26.48 -3.65
N MET A 543 7.85 -26.68 -4.11
CA MET A 543 7.21 -27.98 -4.00
C MET A 543 7.76 -29.00 -4.99
N THR A 544 8.59 -28.57 -5.94
CA THR A 544 9.34 -29.52 -6.75
C THR A 544 10.54 -30.07 -6.00
N GLY A 545 10.97 -29.40 -4.94
CA GLY A 545 12.13 -29.81 -4.17
C GLY A 545 13.45 -29.28 -4.68
N ARG A 546 13.44 -28.58 -5.82
CA ARG A 546 14.69 -28.06 -6.38
C ARG A 546 15.27 -26.95 -5.51
N GLU A 547 14.54 -25.86 -5.36
CA GLU A 547 15.05 -24.72 -4.62
C GLU A 547 14.66 -24.81 -3.14
N GLY A 548 15.54 -24.31 -2.29
CA GLY A 548 15.28 -24.34 -0.86
C GLY A 548 14.26 -23.32 -0.43
N ARG A 549 13.87 -23.43 0.84
CA ARG A 549 12.94 -22.49 1.44
C ARG A 549 13.50 -21.07 1.36
N THR A 550 12.65 -20.14 0.97
CA THR A 550 13.05 -18.78 0.63
C THR A 550 12.22 -17.77 1.42
N LYS A 551 12.88 -16.78 1.98
CA LYS A 551 12.18 -15.65 2.57
C LYS A 551 11.73 -14.69 1.47
N VAL A 552 10.50 -14.19 1.59
CA VAL A 552 9.89 -13.35 0.56
C VAL A 552 9.83 -11.89 1.02
N GLN A 553 9.30 -11.64 2.22
CA GLN A 553 9.23 -10.30 2.77
C GLN A 553 9.19 -10.41 4.28
N ALA A 554 9.79 -9.42 4.95
CA ALA A 554 9.93 -9.46 6.41
C ALA A 554 9.34 -8.20 7.03
N ARG A 555 9.21 -8.23 8.36
CA ARG A 555 8.70 -7.11 9.14
C ARG A 555 7.31 -6.66 8.68
N ILE A 556 6.45 -7.62 8.36
CA ILE A 556 5.05 -7.33 8.07
C ILE A 556 4.22 -7.70 9.29
N ALA A 557 3.59 -6.70 9.90
CA ALA A 557 2.88 -6.87 11.16
C ALA A 557 1.42 -7.25 10.93
N GLN A 558 0.88 -7.99 11.90
CA GLN A 558 -0.54 -8.32 11.97
C GLN A 558 -1.02 -9.17 10.80
N LEU A 559 -0.19 -10.02 10.27
CA LEU A 559 -0.56 -10.85 9.14
C LEU A 559 -1.74 -11.75 9.40
N SER A 560 -2.64 -11.83 8.43
CA SER A 560 -3.84 -12.62 8.57
C SER A 560 -4.13 -13.68 7.54
N ASP A 561 -3.84 -13.43 6.29
CA ASP A 561 -4.11 -14.37 5.24
C ASP A 561 -3.24 -14.14 4.09
N ILE A 562 -3.14 -15.10 3.21
CA ILE A 562 -2.36 -14.98 2.02
C ILE A 562 -3.16 -15.76 1.00
N HIS A 563 -3.19 -15.30 -0.22
CA HIS A 563 -4.05 -15.90 -1.24
C HIS A 563 -3.49 -15.63 -2.63
N ALA A 564 -3.17 -16.69 -3.37
CA ALA A 564 -2.66 -16.54 -4.72
C ALA A 564 -3.81 -16.41 -5.72
N VAL A 565 -3.55 -15.67 -6.80
CA VAL A 565 -4.53 -15.42 -7.85
C VAL A 565 -3.89 -15.80 -9.17
N LYS A 566 -4.52 -16.71 -9.90
CA LYS A 566 -4.07 -17.09 -11.24
C LYS A 566 -5.03 -16.54 -12.29
N GLU A 567 -4.48 -16.15 -13.43
CA GLU A 567 -5.32 -15.72 -14.54
C GLU A 567 -6.26 -16.87 -14.93
N LEU A 568 -7.56 -16.60 -14.90
CA LEU A 568 -8.54 -17.65 -15.09
C LEU A 568 -8.74 -17.90 -16.58
N ASN A 569 -8.50 -19.13 -17.01
CA ASN A 569 -8.71 -19.54 -18.40
C ASN A 569 -10.22 -19.69 -18.62
N LEU A 570 -10.78 -18.84 -19.48
CA LEU A 570 -12.23 -18.82 -19.64
C LEU A 570 -12.73 -20.05 -20.39
N GLN A 571 -11.95 -20.56 -21.35
CA GLN A 571 -12.37 -21.77 -22.04
C GLN A 571 -12.45 -22.95 -21.08
N GLU A 572 -11.43 -23.09 -20.21
CA GLU A 572 -11.46 -24.15 -19.22
C GLU A 572 -12.56 -23.92 -18.18
N TYR A 573 -12.78 -22.67 -17.79
CA TYR A 573 -13.81 -22.37 -16.79
C TYR A 573 -15.19 -22.77 -17.28
N ARG A 574 -15.48 -22.52 -18.55
CA ARG A 574 -16.84 -22.78 -19.08
C ARG A 574 -17.12 -24.25 -19.28
N GLN A 575 -16.09 -25.03 -19.15
CA GLN A 575 -16.25 -26.48 -19.27
C GLN A 575 -16.63 -27.17 -17.97
N HIS A 576 -16.61 -26.47 -16.85
CA HIS A 576 -17.06 -27.07 -15.60
C HIS A 576 -18.58 -27.20 -15.63
N PRO A 577 -19.14 -28.35 -15.29
CA PRO A 577 -20.58 -28.57 -15.49
C PRO A 577 -21.48 -27.65 -14.67
N CYS A 578 -21.01 -27.14 -13.54
CA CYS A 578 -21.82 -26.20 -12.77
C CYS A 578 -21.61 -24.74 -13.18
N ALA A 579 -20.67 -24.48 -14.08
CA ALA A 579 -20.37 -23.10 -14.46
C ALA A 579 -21.53 -22.45 -15.20
N GLN A 580 -22.20 -23.20 -16.06
CA GLN A 580 -23.33 -22.69 -16.82
C GLN A 580 -24.62 -23.11 -16.13
N ASP A 581 -25.39 -22.14 -15.66
CA ASP A 581 -26.74 -22.35 -15.12
C ASP A 581 -26.74 -23.23 -13.87
N ASN A 582 -25.59 -23.38 -13.21
CA ASN A 582 -25.46 -24.22 -12.02
C ASN A 582 -25.92 -25.66 -12.30
N GLY A 583 -25.68 -26.14 -13.52
CA GLY A 583 -26.16 -27.46 -13.89
C GLY A 583 -27.65 -27.65 -13.76
N GLY A 584 -28.41 -26.56 -13.81
CA GLY A 584 -29.84 -26.65 -13.60
C GLY A 584 -30.27 -26.83 -12.16
N CYS A 585 -29.32 -26.76 -11.23
CA CYS A 585 -29.59 -27.02 -9.82
C CYS A 585 -30.08 -25.74 -9.14
N SER A 586 -31.20 -25.83 -8.44
CA SER A 586 -31.71 -24.67 -7.73
C SER A 586 -30.74 -24.21 -6.65
N HIS A 587 -30.18 -25.14 -5.86
CA HIS A 587 -29.27 -24.74 -4.80
C HIS A 587 -27.85 -25.25 -5.00
N ILE A 588 -27.59 -26.55 -4.92
CA ILE A 588 -26.22 -27.05 -4.87
C ILE A 588 -25.97 -27.95 -6.06
N CYS A 589 -24.99 -27.57 -6.89
CA CYS A 589 -24.49 -28.39 -7.97
C CYS A 589 -23.12 -28.93 -7.56
N LEU A 590 -23.00 -30.25 -7.50
CA LEU A 590 -21.75 -30.88 -7.14
C LEU A 590 -21.36 -31.91 -8.20
N VAL A 591 -20.07 -31.91 -8.55
CA VAL A 591 -19.52 -32.87 -9.50
C VAL A 591 -19.33 -34.19 -8.80
N LYS A 592 -19.89 -35.26 -9.38
CA LYS A 592 -19.75 -36.58 -8.81
C LYS A 592 -19.35 -37.55 -9.90
N GLY A 593 -18.45 -38.47 -9.55
CA GLY A 593 -18.14 -39.62 -10.38
C GLY A 593 -17.74 -39.32 -11.80
N ASP A 594 -18.61 -39.66 -12.74
CA ASP A 594 -18.32 -39.53 -14.17
C ASP A 594 -18.59 -38.12 -14.67
N GLY A 595 -18.07 -37.11 -13.98
CA GLY A 595 -18.18 -35.72 -14.40
C GLY A 595 -19.55 -35.30 -14.88
N THR A 596 -20.56 -35.42 -14.02
CA THR A 596 -21.92 -35.01 -14.33
C THR A 596 -22.49 -34.26 -13.14
N THR A 597 -23.36 -33.30 -13.43
CA THR A 597 -24.01 -32.52 -12.38
C THR A 597 -25.02 -33.40 -11.64
N ARG A 598 -24.92 -33.42 -10.32
CA ARG A 598 -26.00 -33.90 -9.46
C ARG A 598 -26.43 -32.75 -8.57
N CYS A 599 -27.75 -32.54 -8.46
CA CYS A 599 -28.30 -31.47 -7.66
C CYS A 599 -28.52 -31.94 -6.23
N SER A 600 -28.24 -31.05 -5.28
CA SER A 600 -28.42 -31.35 -3.87
C SER A 600 -28.89 -30.07 -3.17
N CYS A 601 -29.25 -30.21 -1.90
CA CYS A 601 -29.94 -29.17 -1.16
C CYS A 601 -29.25 -28.92 0.17
N PRO A 602 -29.45 -27.73 0.75
CA PRO A 602 -28.92 -27.47 2.10
C PRO A 602 -29.63 -28.31 3.15
N MET A 603 -29.19 -28.27 4.38
CA MET A 603 -29.77 -29.13 5.39
C MET A 603 -31.15 -28.70 5.82
N HIS A 604 -31.72 -27.67 5.23
CA HIS A 604 -33.06 -27.28 5.66
C HIS A 604 -34.08 -27.48 4.56
N LEU A 605 -33.63 -28.11 3.49
CA LEU A 605 -34.50 -28.31 2.37
C LEU A 605 -34.25 -29.70 1.83
N VAL A 606 -35.20 -30.22 1.08
CA VAL A 606 -35.08 -31.57 0.54
C VAL A 606 -35.30 -31.55 -0.96
N LEU A 607 -34.59 -32.40 -1.68
CA LEU A 607 -34.69 -32.41 -3.12
C LEU A 607 -36.07 -32.77 -3.58
N LEU A 608 -36.58 -32.04 -4.56
CA LEU A 608 -37.90 -32.29 -5.09
C LEU A 608 -37.94 -33.34 -6.19
N GLN A 609 -39.14 -33.73 -6.61
CA GLN A 609 -39.28 -34.78 -7.62
C GLN A 609 -38.54 -34.51 -8.90
N ASP A 610 -38.53 -33.27 -9.34
CA ASP A 610 -37.77 -32.95 -10.54
C ASP A 610 -36.28 -33.19 -10.38
N GLU A 611 -35.82 -33.40 -9.14
CA GLU A 611 -34.41 -33.66 -8.82
C GLU A 611 -33.48 -32.56 -9.33
N LEU A 612 -34.05 -31.40 -9.68
CA LEU A 612 -33.28 -30.20 -9.97
C LEU A 612 -33.52 -29.08 -8.96
N SER A 613 -34.67 -29.09 -8.28
CA SER A 613 -35.07 -28.03 -7.37
C SER A 613 -35.12 -28.55 -5.94
N CYS A 614 -35.12 -27.61 -5.00
CA CYS A 614 -35.13 -27.91 -3.58
C CYS A 614 -36.39 -27.36 -2.94
N GLY A 615 -36.99 -28.15 -2.04
CA GLY A 615 -38.20 -27.75 -1.36
C GLY A 615 -38.14 -28.11 0.11
N GLU A 616 -39.26 -27.85 0.80
CA GLU A 616 -39.36 -28.12 2.22
C GLU A 616 -39.48 -29.62 2.50
N GLY B 1 -1.97 17.93 15.81
CA GLY B 1 -1.10 16.79 15.60
C GLY B 1 0.36 17.19 15.59
N CYS B 2 1.22 16.29 16.07
CA CYS B 2 2.65 16.59 16.15
C CYS B 2 3.49 15.42 15.67
N ARG B 3 2.91 14.51 14.90
CA ARG B 3 3.63 13.31 14.47
C ARG B 3 4.89 13.68 13.70
N GLY B 4 4.78 14.63 12.77
CA GLY B 4 5.96 15.03 12.01
C GLY B 4 6.99 15.73 12.87
N LEU B 5 6.55 16.71 13.67
CA LEU B 5 7.48 17.47 14.50
C LEU B 5 8.12 16.59 15.56
N LYS B 6 7.36 15.66 16.14
CA LYS B 6 7.93 14.73 17.11
C LYS B 6 9.05 13.91 16.48
N ARG B 7 8.82 13.41 15.26
CA ARG B 7 9.84 12.60 14.60
C ARG B 7 11.10 13.42 14.34
N LEU B 8 10.94 14.68 13.96
CA LEU B 8 12.09 15.55 13.75
C LEU B 8 12.78 15.89 15.06
N TYR B 9 12.00 16.08 16.13
CA TYR B 9 12.60 16.36 17.44
C TYR B 9 13.49 15.22 17.90
N GLU B 10 12.97 13.99 17.86
CA GLU B 10 13.78 12.85 18.28
C GLU B 10 14.95 12.56 17.33
N ALA B 11 14.95 13.14 16.14
CA ALA B 11 16.05 12.93 15.22
C ALA B 11 17.20 13.92 15.40
N PHE B 12 16.97 15.00 16.15
CA PHE B 12 18.00 16.02 16.35
C PHE B 12 18.11 16.46 17.81
N CYS B 13 17.39 15.82 18.73
CA CYS B 13 17.39 16.25 20.13
C CYS B 13 18.74 16.01 20.80
N LYS B 14 19.45 14.94 20.42
CA LYS B 14 20.74 14.66 21.02
C LYS B 14 21.79 15.70 20.66
N GLN B 15 21.48 16.60 19.74
CA GLN B 15 22.33 17.73 19.36
C GLN B 15 22.09 18.93 20.27
N ASP B 16 22.07 18.69 21.58
CA ASP B 16 21.72 19.72 22.55
C ASP B 16 22.67 19.65 23.73
N SER B 17 22.94 20.80 24.33
CA SER B 17 23.90 20.87 25.42
C SER B 17 23.60 19.91 26.53
N ASP B 18 22.32 19.74 26.83
CA ASP B 18 21.97 18.85 27.93
C ASP B 18 22.51 17.45 27.71
N CYS B 19 22.55 17.00 26.46
CA CYS B 19 22.96 15.64 26.14
C CYS B 19 24.47 15.52 26.19
N LEU B 20 24.97 14.72 27.13
CA LEU B 20 26.40 14.44 27.29
C LEU B 20 26.73 13.02 26.84
N ALA B 21 26.12 12.59 25.74
CA ALA B 21 26.19 11.23 25.21
C ALA B 21 25.66 10.19 26.20
N GLY B 22 24.95 10.62 27.24
CA GLY B 22 24.30 9.73 28.17
C GLY B 22 22.83 10.11 28.31
N CYS B 23 22.23 10.50 27.19
CA CYS B 23 20.86 11.00 27.18
C CYS B 23 19.99 10.11 26.30
N VAL B 24 18.85 9.69 26.84
CA VAL B 24 17.73 9.30 26.00
C VAL B 24 17.04 10.55 25.46
N CYS B 25 17.33 11.69 26.08
CA CYS B 25 16.79 12.97 25.66
C CYS B 25 15.40 13.27 26.22
N PRO B 26 15.09 14.55 26.50
CA PRO B 26 13.83 14.78 27.22
C PRO B 26 12.59 14.49 26.39
N MET B 27 11.50 14.23 27.10
CA MET B 27 10.22 13.94 26.46
C MET B 27 9.74 15.14 25.66
N PHE B 28 8.97 14.85 24.61
CA PHE B 28 8.48 15.89 23.70
C PHE B 28 7.31 16.62 24.34
N SER B 29 7.45 17.93 24.52
CA SER B 29 6.44 18.75 25.17
C SER B 29 5.81 19.78 24.24
N GLU B 30 6.26 19.86 22.99
CA GLU B 30 5.87 20.94 22.08
C GLU B 30 4.68 20.59 21.20
N CYS B 31 3.98 19.50 21.48
CA CYS B 31 2.71 19.28 20.82
C CYS B 31 1.69 20.32 21.30
N GLY B 32 0.99 20.94 20.36
CA GLY B 32 0.04 21.97 20.69
C GLY B 32 0.49 23.36 20.26
#